data_5J5A
#
_entry.id   5J5A
#
_cell.length_a   87.592
_cell.length_b   105.806
_cell.length_c   207.250
_cell.angle_alpha   90.00
_cell.angle_beta   90.00
_cell.angle_gamma   90.00
#
_symmetry.space_group_name_H-M   'P 21 21 21'
#
loop_
_entity.id
_entity.type
_entity.pdbx_description
1 polymer 'Methionyl-tRNA synthetase, putative'
2 non-polymer METHIONINE
3 non-polymer [(3S)-3-(1H-benzimidazol-2-yl)piperidin-1-yl](2-methyl-1-benzofuran-5-yl)methanone
4 water water
#
_entity_poly.entity_id   1
_entity_poly.type   'polypeptide(L)'
_entity_poly.pdbx_seq_one_letter_code
;GPGSMKVEKVFFVTSPIYYVNAAPHIGHVYSTLITDVIGRYHRVKGERVFALTGTDEHGQKVAEAAKQKQVSPYDFTTAV
AGEFKKCFEQMDYSIDYFIRTTNEQHKAVVKELWTKLEQKGDIYLGRYEGWYSISDESFLTPQNITDGVDKDGNPCKVSL
ESGHVVTWVSEENYMFRLSAFRERLLEWYHANPGCIVPEFRRREVIRAVEKGLPDLSVSRARATLHNWAIPVPGNPDHCV
YVWLDALTNYLTGSRLRVDESGKEVSLVDDFNELERFPADVHVIGKDILKFHAIYWPAFLLSAGLPLPKKIVAHGWWTKD
RKKISKSLGNVFDPVEKAEEFGYDALKYFLLRESGFSDDGDYSDKNMIARLNGELADTLGNLVMRCTSAKINVNGEWPSP
AAYTEEDESLIQLIKDLPGTADHYYLIPDIQKAIIAVFDVLRAINAYVTDMAPWKLVKTDPERLRTVLYITLEGVRVTTL
LLSPILPRKSVVIFDMLGVPEVHRKGIENFEFGAVPPGTRLGPAVEGEVLFSKRSTENTKST
;
_entity_poly.pdbx_strand_id   A,B
#
loop_
_chem_comp.id
_chem_comp.type
_chem_comp.name
_chem_comp.formula
756 non-polymer [(3S)-3-(1H-benzimidazol-2-yl)piperidin-1-yl](2-methyl-1-benzofuran-5-yl)methanone 'C22 H21 N3 O2'
#
# COMPACT_ATOMS: atom_id res chain seq x y z
N VAL A 7 14.14 -18.44 20.94
CA VAL A 7 14.35 -18.52 22.43
C VAL A 7 13.32 -17.64 23.15
N GLU A 8 12.48 -18.26 24.00
CA GLU A 8 11.47 -17.53 24.77
C GLU A 8 12.13 -16.86 25.98
N LYS A 9 12.33 -15.55 25.84
CA LYS A 9 12.67 -14.63 26.94
C LYS A 9 11.64 -13.52 27.22
N VAL A 10 11.95 -12.64 28.17
CA VAL A 10 11.16 -11.40 28.38
C VAL A 10 11.68 -10.37 27.39
N PHE A 11 10.78 -9.81 26.58
CA PHE A 11 11.16 -8.80 25.59
C PHE A 11 11.61 -7.55 26.33
N PHE A 12 12.87 -7.18 26.15
CA PHE A 12 13.51 -6.12 26.92
C PHE A 12 13.80 -4.90 26.02
N VAL A 13 13.07 -3.81 26.27
CA VAL A 13 13.22 -2.57 25.49
C VAL A 13 13.59 -1.40 26.42
N THR A 14 14.57 -0.59 26.01
CA THR A 14 15.11 0.51 26.84
C THR A 14 15.02 1.85 26.15
N SER A 15 14.89 2.90 26.97
CA SER A 15 15.20 4.26 26.55
C SER A 15 16.63 4.59 27.01
N PRO A 16 17.19 5.73 26.55
CA PRO A 16 18.38 6.19 27.21
C PRO A 16 18.00 6.70 28.59
N ILE A 17 18.95 6.66 29.52
CA ILE A 17 18.79 7.34 30.82
C ILE A 17 19.29 8.78 30.65
N TYR A 18 18.48 9.75 31.08
CA TYR A 18 18.68 11.13 30.69
C TYR A 18 19.45 11.94 31.72
N TYR A 19 20.33 12.83 31.27
CA TYR A 19 21.02 13.71 32.19
C TYR A 19 20.04 14.63 32.88
N VAL A 20 20.29 14.86 34.16
CA VAL A 20 19.40 15.67 35.01
C VAL A 20 19.88 17.13 35.23
N ASN A 21 20.76 17.66 34.36
CA ASN A 21 21.13 19.06 34.45
C ASN A 21 19.97 20.03 34.12
N ALA A 22 19.06 19.55 33.28
CA ALA A 22 17.96 20.31 32.74
C ALA A 22 16.68 19.59 33.07
N ALA A 23 15.58 20.34 33.04
CA ALA A 23 14.26 19.80 33.23
C ALA A 23 13.87 19.00 31.99
N PRO A 24 12.93 18.05 32.14
CA PRO A 24 12.48 17.27 30.99
C PRO A 24 11.86 18.14 29.89
N HIS A 25 12.25 17.85 28.66
CA HIS A 25 11.79 18.53 27.48
C HIS A 25 11.33 17.47 26.46
N ILE A 26 11.00 17.92 25.26
CA ILE A 26 10.47 17.05 24.21
C ILE A 26 11.36 15.86 23.77
N GLY A 27 12.66 16.10 23.59
CA GLY A 27 13.63 15.05 23.34
C GLY A 27 13.47 13.79 24.18
N HIS A 28 13.32 13.96 25.48
CA HIS A 28 13.26 12.80 26.39
C HIS A 28 11.90 12.14 26.28
N VAL A 29 10.87 12.97 26.21
CA VAL A 29 9.50 12.51 25.96
C VAL A 29 9.41 11.67 24.66
N TYR A 30 10.07 12.13 23.60
CA TYR A 30 10.11 11.41 22.35
C TYR A 30 10.81 10.07 22.49
N SER A 31 12.03 10.10 23.02
CA SER A 31 12.82 8.86 23.18
C SER A 31 12.03 7.81 23.96
N THR A 32 11.41 8.27 25.04
CA THR A 32 10.67 7.38 25.95
C THR A 32 9.37 6.92 25.32
N LEU A 33 8.72 7.80 24.56
CA LEU A 33 7.55 7.40 23.76
C LEU A 33 7.84 6.22 22.80
N ILE A 34 8.99 6.27 22.12
CA ILE A 34 9.38 5.20 21.19
C ILE A 34 9.59 3.90 21.96
N THR A 35 10.30 3.99 23.09
CA THR A 35 10.47 2.84 23.99
C THR A 35 9.10 2.28 24.45
N ASP A 36 8.19 3.19 24.83
CA ASP A 36 6.86 2.82 25.30
C ASP A 36 6.01 2.10 24.25
N VAL A 37 6.04 2.61 23.02
CA VAL A 37 5.27 2.05 21.90
C VAL A 37 5.74 0.64 21.54
N ILE A 38 7.06 0.46 21.41
CA ILE A 38 7.63 -0.87 21.15
C ILE A 38 7.19 -1.85 22.24
N GLY A 39 7.39 -1.46 23.50
CA GLY A 39 6.94 -2.24 24.64
C GLY A 39 5.47 -2.61 24.54
N ARG A 40 4.63 -1.61 24.20
CA ARG A 40 3.18 -1.83 24.09
C ARG A 40 2.84 -2.80 22.97
N TYR A 41 3.47 -2.66 21.80
CA TYR A 41 3.19 -3.56 20.67
C TYR A 41 3.47 -5.02 21.05
N HIS A 42 4.60 -5.26 21.71
CA HIS A 42 4.93 -6.63 22.15
C HIS A 42 3.96 -7.13 23.25
N ARG A 43 3.43 -6.24 24.06
CA ARG A 43 2.42 -6.62 24.99
C ARG A 43 1.12 -6.99 24.30
N VAL A 44 0.70 -6.28 23.26
CA VAL A 44 -0.52 -6.62 22.53
C VAL A 44 -0.29 -7.93 21.83
N LYS A 45 0.94 -8.16 21.43
CA LYS A 45 1.27 -9.42 20.78
C LYS A 45 1.27 -10.60 21.76
N GLY A 46 1.11 -10.34 23.06
CA GLY A 46 0.97 -11.38 24.07
C GLY A 46 2.28 -11.84 24.67
N GLU A 47 3.35 -11.08 24.44
CA GLU A 47 4.69 -11.39 24.96
C GLU A 47 4.87 -10.77 26.32
N ARG A 48 5.79 -11.33 27.12
CA ARG A 48 6.24 -10.69 28.37
C ARG A 48 7.15 -9.54 27.98
N VAL A 49 6.95 -8.40 28.64
CA VAL A 49 7.72 -7.20 28.34
C VAL A 49 8.26 -6.55 29.60
N PHE A 50 9.51 -6.11 29.53
CA PHE A 50 10.12 -5.23 30.52
C PHE A 50 10.66 -4.01 29.79
N ALA A 51 10.02 -2.87 29.97
CA ALA A 51 10.45 -1.61 29.38
C ALA A 51 11.14 -0.75 30.45
N LEU A 52 12.26 -0.15 30.08
CA LEU A 52 13.12 0.56 31.03
C LEU A 52 13.37 2.00 30.59
N THR A 53 13.29 2.94 31.53
CA THR A 53 13.73 4.33 31.34
C THR A 53 14.38 4.85 32.64
N GLY A 54 14.97 6.06 32.60
CA GLY A 54 15.58 6.57 33.80
C GLY A 54 16.43 7.81 33.65
N THR A 55 17.26 8.04 34.67
CA THR A 55 18.03 9.26 34.79
C THR A 55 19.50 8.96 35.06
N ASP A 56 20.34 9.78 34.44
CA ASP A 56 21.79 9.65 34.46
C ASP A 56 22.27 10.80 35.34
N GLU A 57 22.42 10.49 36.62
CA GLU A 57 22.68 11.44 37.67
C GLU A 57 24.07 11.89 38.10
N HIS A 58 25.07 11.08 37.86
CA HIS A 58 26.45 11.34 38.19
C HIS A 58 27.12 12.17 37.10
N GLY A 59 28.36 12.57 37.32
CA GLY A 59 29.10 13.36 36.35
C GLY A 59 29.37 14.82 36.62
N GLN A 60 30.34 15.36 35.91
CA GLN A 60 30.81 16.75 35.99
C GLN A 60 29.78 17.77 35.60
N LYS A 61 29.13 17.52 34.50
CA LYS A 61 27.94 18.23 33.98
C LYS A 61 26.82 18.47 35.00
N VAL A 62 26.34 17.40 35.63
CA VAL A 62 25.26 17.52 36.63
C VAL A 62 25.71 18.26 37.87
N ALA A 63 26.88 17.88 38.38
CA ALA A 63 27.46 18.52 39.57
C ALA A 63 27.61 20.03 39.36
N GLU A 64 28.09 20.43 38.17
CA GLU A 64 28.24 21.83 37.81
C GLU A 64 26.89 22.55 37.63
N ALA A 65 25.88 21.83 37.14
CA ALA A 65 24.49 22.36 37.09
C ALA A 65 23.87 22.54 38.49
N ALA A 66 24.20 21.65 39.44
CA ALA A 66 23.81 21.77 40.84
C ALA A 66 24.52 22.97 41.50
N LYS A 67 25.80 23.15 41.17
CA LYS A 67 26.57 24.31 41.67
C LYS A 67 25.96 25.65 41.18
N GLN A 68 25.64 25.74 39.88
CA GLN A 68 24.98 26.91 39.29
C GLN A 68 23.67 27.25 40.00
N LYS A 69 22.86 26.22 40.27
CA LYS A 69 21.59 26.41 41.00
C LYS A 69 21.76 26.58 42.53
N GLN A 70 22.99 26.43 43.04
CA GLN A 70 23.35 26.65 44.45
C GLN A 70 22.63 25.74 45.44
N VAL A 71 22.86 24.45 45.24
CA VAL A 71 22.22 23.40 46.07
C VAL A 71 22.99 22.09 45.88
N SER A 72 22.97 21.16 46.86
CA SER A 72 23.84 19.97 46.78
C SER A 72 23.44 19.03 45.64
N PRO A 73 24.42 18.30 45.06
CA PRO A 73 24.10 17.36 43.98
C PRO A 73 23.03 16.33 44.34
N TYR A 74 23.01 15.83 45.57
CA TYR A 74 22.00 14.84 46.01
C TYR A 74 20.58 15.39 45.93
N ASP A 75 20.40 16.62 46.40
CA ASP A 75 19.07 17.27 46.36
C ASP A 75 18.66 17.56 44.95
N PHE A 76 19.59 18.13 44.18
CA PHE A 76 19.35 18.52 42.80
C PHE A 76 18.91 17.33 41.95
N THR A 77 19.66 16.22 42.04
CA THR A 77 19.32 15.03 41.27
C THR A 77 17.97 14.43 41.71
N THR A 78 17.71 14.39 43.01
CA THR A 78 16.43 13.87 43.50
C THR A 78 15.23 14.72 43.00
N ALA A 79 15.42 16.04 42.98
CA ALA A 79 14.39 16.97 42.51
C ALA A 79 14.09 16.74 41.04
N VAL A 80 15.15 16.80 40.21
CA VAL A 80 15.00 16.72 38.76
C VAL A 80 14.54 15.33 38.35
N ALA A 81 15.09 14.28 38.95
CA ALA A 81 14.56 12.92 38.76
C ALA A 81 13.06 12.87 38.99
N GLY A 82 12.63 13.54 40.05
CA GLY A 82 11.21 13.67 40.37
C GLY A 82 10.39 14.36 39.28
N GLU A 83 10.95 15.43 38.71
CA GLU A 83 10.33 16.10 37.56
C GLU A 83 10.18 15.18 36.35
N PHE A 84 11.22 14.40 36.06
CA PHE A 84 11.17 13.38 35.00
C PHE A 84 10.08 12.34 35.28
N LYS A 85 10.04 11.80 36.50
CA LYS A 85 9.01 10.84 36.90
C LYS A 85 7.59 11.36 36.70
N LYS A 86 7.37 12.60 37.11
CA LYS A 86 6.09 13.25 36.94
C LYS A 86 5.73 13.44 35.47
N CYS A 87 6.70 13.86 34.64
CA CYS A 87 6.49 14.05 33.19
C CYS A 87 6.04 12.77 32.50
N PHE A 88 6.66 11.65 32.83
CA PHE A 88 6.30 10.37 32.22
C PHE A 88 4.97 9.80 32.72
N GLU A 89 4.59 10.10 33.96
CA GLU A 89 3.22 9.78 34.43
C GLU A 89 2.22 10.67 33.71
N GLN A 90 2.53 11.95 33.62
CA GLN A 90 1.64 12.86 32.93
C GLN A 90 1.41 12.44 31.48
N MET A 91 2.47 11.95 30.84
CA MET A 91 2.45 11.52 29.44
C MET A 91 1.79 10.18 29.20
N ASP A 92 1.45 9.45 30.26
CA ASP A 92 0.63 8.25 30.20
C ASP A 92 1.35 7.08 29.52
N TYR A 93 2.61 6.92 29.86
CA TYR A 93 3.41 5.80 29.36
C TYR A 93 3.08 4.56 30.16
N SER A 94 3.64 3.43 29.75
CA SER A 94 3.50 2.18 30.48
C SER A 94 4.88 1.54 30.62
N ILE A 95 5.82 2.31 31.17
CA ILE A 95 7.19 1.87 31.40
C ILE A 95 7.20 1.04 32.67
N ASP A 96 7.87 -0.11 32.62
CA ASP A 96 7.85 -1.02 33.75
C ASP A 96 8.68 -0.54 34.94
N TYR A 97 9.80 0.13 34.69
CA TYR A 97 10.64 0.62 35.79
C TYR A 97 11.48 1.87 35.43
N PHE A 98 11.67 2.76 36.42
CA PHE A 98 12.44 4.02 36.29
C PHE A 98 13.75 3.93 37.07
N ILE A 99 14.88 3.70 36.40
CA ILE A 99 16.17 3.51 37.08
C ILE A 99 16.90 4.85 37.28
N ARG A 100 17.61 4.99 38.40
CA ARG A 100 18.42 6.16 38.72
C ARG A 100 19.81 5.66 39.00
N THR A 101 20.84 6.32 38.46
CA THR A 101 22.22 5.83 38.64
C THR A 101 22.78 6.07 40.06
N THR A 102 22.13 6.95 40.83
CA THR A 102 22.44 7.11 42.25
C THR A 102 22.01 5.90 43.11
N ASN A 103 21.11 5.08 42.56
CA ASN A 103 20.67 3.85 43.21
C ASN A 103 21.83 2.96 43.66
N GLU A 104 21.69 2.41 44.86
CA GLU A 104 22.76 1.64 45.50
C GLU A 104 23.03 0.33 44.75
N GLN A 105 21.96 -0.35 44.31
CA GLN A 105 22.07 -1.61 43.55
C GLN A 105 22.71 -1.38 42.20
N HIS A 106 22.43 -0.24 41.58
CA HIS A 106 23.12 0.14 40.35
C HIS A 106 24.63 0.27 40.56
N LYS A 107 25.03 0.96 41.63
CA LYS A 107 26.44 1.12 41.95
C LYS A 107 27.15 -0.22 42.11
N ALA A 108 26.47 -1.17 42.75
CA ALA A 108 26.99 -2.54 42.94
C ALA A 108 27.29 -3.23 41.62
N VAL A 109 26.38 -3.06 40.66
CA VAL A 109 26.51 -3.67 39.32
C VAL A 109 27.67 -3.02 38.54
N VAL A 110 27.82 -1.71 38.70
CA VAL A 110 28.93 -1.00 38.08
C VAL A 110 30.28 -1.52 38.60
N LYS A 111 30.39 -1.67 39.93
CA LYS A 111 31.58 -2.24 40.54
C LYS A 111 31.86 -3.67 40.09
N GLU A 112 30.81 -4.49 40.02
CA GLU A 112 30.90 -5.86 39.51
C GLU A 112 31.46 -5.89 38.11
N LEU A 113 30.89 -5.07 37.23
CA LEU A 113 31.30 -5.01 35.82
C LEU A 113 32.70 -4.43 35.68
N TRP A 114 33.00 -3.37 36.42
CA TRP A 114 34.35 -2.82 36.42
C TRP A 114 35.40 -3.89 36.75
N THR A 115 35.13 -4.59 37.86
CA THR A 115 36.04 -5.61 38.38
C THR A 115 36.24 -6.71 37.37
N LYS A 116 35.16 -7.13 36.72
CA LYS A 116 35.22 -8.15 35.67
C LYS A 116 36.17 -7.73 34.54
N LEU A 117 35.99 -6.50 34.05
CA LEU A 117 36.84 -5.94 33.02
C LEU A 117 38.33 -5.85 33.43
N GLU A 118 38.58 -5.50 34.69
CA GLU A 118 39.94 -5.39 35.24
C GLU A 118 40.58 -6.77 35.31
N GLN A 119 39.87 -7.73 35.91
CA GLN A 119 40.30 -9.13 36.01
C GLN A 119 40.63 -9.78 34.67
N LYS A 120 39.83 -9.44 33.67
CA LYS A 120 39.99 -9.94 32.31
C LYS A 120 41.17 -9.30 31.55
N GLY A 121 41.91 -8.36 32.17
CA GLY A 121 43.09 -7.70 31.58
C GLY A 121 42.78 -6.49 30.71
N ASP A 122 41.52 -6.07 30.67
CA ASP A 122 41.04 -5.07 29.72
C ASP A 122 41.00 -3.64 30.26
N ILE A 123 41.27 -3.45 31.56
CA ILE A 123 41.52 -2.11 32.11
C ILE A 123 42.98 -1.95 32.66
N TYR A 124 43.69 -0.90 32.22
CA TYR A 124 45.09 -0.54 32.65
C TYR A 124 45.21 0.93 33.08
N LEU A 125 46.25 1.24 33.86
CA LEU A 125 46.50 2.61 34.29
C LEU A 125 47.30 3.32 33.19
N GLY A 126 46.76 4.44 32.70
CA GLY A 126 47.38 5.22 31.63
C GLY A 126 47.07 6.72 31.76
N ARG A 127 47.19 7.46 30.65
CA ARG A 127 46.78 8.88 30.60
C ARG A 127 45.85 9.10 29.42
N TYR A 128 44.85 9.95 29.62
CA TYR A 128 44.17 10.58 28.52
C TYR A 128 44.67 12.03 28.43
N GLU A 129 45.17 12.41 27.24
CA GLU A 129 45.53 13.81 26.91
C GLU A 129 44.80 14.24 25.63
N GLY A 130 43.76 15.05 25.78
CA GLY A 130 42.98 15.43 24.61
C GLY A 130 41.77 16.30 24.91
N TRP A 131 40.93 16.47 23.90
CA TRP A 131 39.74 17.28 24.04
C TRP A 131 38.59 16.49 24.67
N TYR A 132 37.71 17.22 25.37
CA TYR A 132 36.57 16.64 26.07
C TYR A 132 35.41 17.64 26.10
N SER A 133 34.22 17.19 25.72
CA SER A 133 32.99 17.97 25.89
C SER A 133 32.34 17.52 27.19
N ILE A 134 32.25 18.43 28.16
CA ILE A 134 31.64 18.11 29.44
C ILE A 134 30.14 17.92 29.28
N SER A 135 29.54 18.75 28.43
CA SER A 135 28.12 18.69 28.12
C SER A 135 27.71 17.37 27.43
N ASP A 136 28.58 16.81 26.60
CA ASP A 136 28.35 15.49 25.99
C ASP A 136 29.00 14.34 26.77
N GLU A 137 29.85 14.69 27.72
CA GLU A 137 30.68 13.74 28.48
C GLU A 137 31.45 12.78 27.57
N SER A 138 32.03 13.35 26.51
CA SER A 138 32.54 12.62 25.37
C SER A 138 34.00 13.00 25.10
N PHE A 139 34.87 12.00 24.87
CA PHE A 139 36.24 12.26 24.40
C PHE A 139 36.20 12.51 22.90
N LEU A 140 36.84 13.59 22.45
CA LEU A 140 36.87 13.96 21.04
C LEU A 140 38.30 14.11 20.54
N THR A 141 38.54 13.66 19.31
CA THR A 141 39.85 13.82 18.66
C THR A 141 39.95 15.24 18.10
N PRO A 142 41.17 15.70 17.71
CA PRO A 142 41.33 17.05 17.10
C PRO A 142 40.44 17.28 15.85
N GLN A 143 40.22 16.22 15.07
CA GLN A 143 39.36 16.24 13.88
C GLN A 143 37.88 16.56 14.19
N ASN A 144 37.42 16.51 15.45
CA ASN A 144 36.03 16.79 15.83
C ASN A 144 35.79 18.05 16.64
N ILE A 145 36.72 18.97 16.61
CA ILE A 145 36.57 20.20 17.32
C ILE A 145 36.75 21.27 16.30
N THR A 146 36.28 22.44 16.61
CA THR A 146 36.38 23.56 15.72
C THR A 146 36.26 24.84 16.48
N ASP A 147 36.39 25.96 15.82
CA ASP A 147 36.32 27.26 16.47
C ASP A 147 34.93 27.77 16.76
N GLY A 148 34.73 28.48 17.85
CA GLY A 148 33.41 28.96 18.23
C GLY A 148 33.43 29.91 19.41
N VAL A 149 32.31 30.10 20.09
CA VAL A 149 32.29 31.00 21.27
C VAL A 149 31.60 30.40 22.50
N ASP A 150 32.19 30.67 23.67
CA ASP A 150 31.50 30.48 24.97
C ASP A 150 30.44 31.57 25.14
N LYS A 151 29.60 31.46 26.16
CA LYS A 151 28.49 32.41 26.36
C LYS A 151 28.88 33.74 27.08
N ASP A 152 30.19 33.95 27.26
CA ASP A 152 30.76 35.31 27.36
C ASP A 152 30.92 35.95 25.97
N GLY A 153 31.15 35.11 24.96
CA GLY A 153 31.35 35.53 23.56
C GLY A 153 32.82 35.65 23.19
N ASN A 154 33.63 34.67 23.61
CA ASN A 154 35.09 34.71 23.43
C ASN A 154 35.61 33.54 22.61
N PRO A 155 36.76 33.71 21.93
CA PRO A 155 37.24 32.66 21.02
C PRO A 155 37.63 31.38 21.76
N CYS A 156 36.77 30.36 21.68
CA CYS A 156 37.03 29.05 22.28
C CYS A 156 36.89 27.96 21.23
N LYS A 157 37.16 26.73 21.65
CA LYS A 157 36.92 25.57 20.81
C LYS A 157 35.58 24.94 21.18
N VAL A 158 34.89 24.38 20.19
CA VAL A 158 33.60 23.72 20.37
C VAL A 158 33.54 22.42 19.57
N SER A 159 32.70 21.50 20.03
CA SER A 159 32.52 20.18 19.38
C SER A 159 31.87 20.26 18.01
N LEU A 160 32.39 19.50 17.04
CA LEU A 160 31.74 19.37 15.71
C LEU A 160 30.43 18.59 15.82
N GLU A 161 30.40 17.56 16.67
CA GLU A 161 29.18 16.78 16.97
C GLU A 161 28.07 17.74 17.40
N SER A 162 28.31 18.39 18.54
CA SER A 162 27.23 19.04 19.30
C SER A 162 27.23 20.57 19.33
N GLY A 163 28.37 21.19 19.11
CA GLY A 163 28.50 22.65 19.18
C GLY A 163 28.79 23.18 20.57
N HIS A 164 28.89 22.28 21.56
CA HIS A 164 29.18 22.65 22.95
C HIS A 164 30.67 22.89 23.17
N VAL A 165 30.96 23.65 24.21
CA VAL A 165 32.32 24.10 24.48
C VAL A 165 33.18 22.93 24.96
N VAL A 166 34.34 22.75 24.33
CA VAL A 166 35.30 21.70 24.72
C VAL A 166 36.51 22.26 25.47
N THR A 167 37.18 21.38 26.20
CA THR A 167 38.31 21.72 27.04
C THR A 167 39.36 20.64 26.96
N TRP A 168 40.62 21.02 27.13
CA TRP A 168 41.73 20.07 27.10
C TRP A 168 41.88 19.42 28.48
N VAL A 169 42.06 18.10 28.48
CA VAL A 169 42.19 17.30 29.70
C VAL A 169 43.52 16.55 29.65
N SER A 170 44.29 16.65 30.74
CA SER A 170 45.51 15.88 30.88
C SER A 170 45.47 15.21 32.23
N GLU A 171 45.01 13.96 32.25
CA GLU A 171 44.85 13.22 33.48
C GLU A 171 45.37 11.80 33.38
N GLU A 172 45.96 11.34 34.49
CA GLU A 172 46.24 9.91 34.69
C GLU A 172 44.89 9.21 34.91
N ASN A 173 44.56 8.24 34.08
CA ASN A 173 43.22 7.64 34.02
C ASN A 173 43.32 6.12 33.81
N TYR A 174 42.39 5.38 34.38
CA TYR A 174 42.19 4.00 33.97
C TYR A 174 41.70 4.00 32.54
N MET A 175 42.27 3.11 31.72
CA MET A 175 42.00 3.04 30.30
C MET A 175 41.45 1.66 29.96
N PHE A 176 40.30 1.63 29.27
CA PHE A 176 39.75 0.39 28.68
C PHE A 176 40.38 0.14 27.32
N ARG A 177 40.77 -1.11 27.06
CA ARG A 177 41.49 -1.48 25.81
C ARG A 177 40.57 -1.64 24.61
N LEU A 178 39.90 -0.56 24.24
CA LEU A 178 38.88 -0.60 23.20
C LEU A 178 39.47 -1.00 21.85
N SER A 179 40.69 -0.58 21.58
CA SER A 179 41.41 -0.92 20.35
C SER A 179 41.51 -2.44 20.12
N ALA A 180 41.59 -3.22 21.20
CA ALA A 180 41.64 -4.70 21.12
C ALA A 180 40.34 -5.37 20.68
N PHE A 181 39.27 -4.56 20.50
CA PHE A 181 37.94 -5.06 20.18
C PHE A 181 37.46 -4.64 18.78
N ARG A 182 38.34 -4.03 17.97
CA ARG A 182 38.00 -3.60 16.61
C ARG A 182 37.47 -4.74 15.74
N GLU A 183 38.24 -5.84 15.67
CA GLU A 183 37.85 -6.97 14.83
C GLU A 183 36.57 -7.66 15.30
N ARG A 184 36.44 -7.91 16.61
CA ARG A 184 35.22 -8.55 17.13
C ARG A 184 33.95 -7.72 16.92
N LEU A 185 34.08 -6.39 17.01
CA LEU A 185 32.96 -5.46 16.74
C LEU A 185 32.57 -5.49 15.26
N LEU A 186 33.56 -5.41 14.38
CA LEU A 186 33.32 -5.52 12.95
C LEU A 186 32.67 -6.88 12.59
N GLU A 187 33.14 -7.97 13.20
CA GLU A 187 32.50 -9.29 13.05
C GLU A 187 31.04 -9.24 13.45
N TRP A 188 30.77 -8.62 14.59
CA TRP A 188 29.41 -8.46 15.11
C TRP A 188 28.51 -7.68 14.14
N TYR A 189 28.99 -6.56 13.60
CA TYR A 189 28.19 -5.75 12.67
C TYR A 189 27.84 -6.52 11.38
N HIS A 190 28.81 -7.27 10.85
CA HIS A 190 28.61 -8.00 9.59
C HIS A 190 27.76 -9.25 9.77
N ALA A 191 27.95 -9.97 10.87
CA ALA A 191 27.14 -11.14 11.17
C ALA A 191 25.71 -10.77 11.59
N ASN A 192 25.44 -9.50 11.87
CA ASN A 192 24.12 -9.07 12.34
C ASN A 192 23.71 -7.78 11.65
N PRO A 193 23.37 -7.86 10.36
CA PRO A 193 23.18 -6.64 9.58
C PRO A 193 21.98 -5.77 9.96
N GLY A 194 21.05 -6.29 10.75
CA GLY A 194 19.96 -5.46 11.26
C GLY A 194 20.16 -4.93 12.67
N CYS A 195 21.35 -5.14 13.27
CA CYS A 195 21.58 -4.78 14.66
C CYS A 195 21.61 -3.28 14.93
N ILE A 196 21.86 -2.46 13.90
CA ILE A 196 21.81 -1.01 14.05
C ILE A 196 20.85 -0.46 13.01
N VAL A 197 19.92 0.39 13.43
CA VAL A 197 18.87 0.93 12.58
C VAL A 197 18.78 2.43 12.82
N PRO A 198 18.56 3.26 11.79
CA PRO A 198 18.44 2.87 10.39
C PRO A 198 19.79 2.58 9.73
N GLU A 199 19.72 1.96 8.56
CA GLU A 199 20.88 1.41 7.87
C GLU A 199 22.02 2.42 7.64
N PHE A 200 21.71 3.68 7.34
CA PHE A 200 22.78 4.67 7.09
C PHE A 200 23.61 4.95 8.36
N ARG A 201 22.97 4.82 9.52
CA ARG A 201 23.67 4.91 10.81
C ARG A 201 24.47 3.67 11.12
N ARG A 202 24.00 2.52 10.68
CA ARG A 202 24.81 1.30 10.78
C ARG A 202 26.09 1.41 9.97
N ARG A 203 25.98 1.93 8.75
CA ARG A 203 27.14 2.16 7.89
C ARG A 203 28.12 3.18 8.49
N GLU A 204 27.60 4.23 9.14
CA GLU A 204 28.42 5.23 9.84
C GLU A 204 29.28 4.62 10.94
N VAL A 205 28.67 3.78 11.77
CA VAL A 205 29.37 3.09 12.84
C VAL A 205 30.48 2.22 12.25
N ILE A 206 30.16 1.42 11.24
CA ILE A 206 31.13 0.52 10.62
C ILE A 206 32.33 1.27 10.03
N ARG A 207 32.07 2.40 9.36
CA ARG A 207 33.18 3.20 8.81
C ARG A 207 34.12 3.66 9.93
N ALA A 208 33.53 4.19 11.01
CA ALA A 208 34.30 4.65 12.17
C ALA A 208 35.17 3.53 12.73
N VAL A 209 34.61 2.34 12.95
CA VAL A 209 35.36 1.25 13.58
C VAL A 209 36.41 0.69 12.62
N GLU A 210 36.11 0.67 11.32
CA GLU A 210 37.08 0.27 10.29
C GLU A 210 38.31 1.18 10.32
N LYS A 211 38.11 2.49 10.49
CA LYS A 211 39.22 3.46 10.56
C LYS A 211 40.21 3.20 11.71
N GLY A 212 39.74 2.64 12.81
CA GLY A 212 40.58 2.30 13.95
C GLY A 212 39.97 2.87 15.22
N LEU A 213 40.29 2.24 16.35
CA LEU A 213 39.74 2.65 17.65
C LEU A 213 40.87 2.92 18.62
N PRO A 214 40.87 4.10 19.27
CA PRO A 214 41.78 4.30 20.39
C PRO A 214 41.28 3.56 21.65
N ASP A 215 42.11 3.49 22.68
CA ASP A 215 41.66 3.03 23.99
C ASP A 215 40.86 4.12 24.64
N LEU A 216 39.96 3.73 25.55
CA LEU A 216 38.97 4.64 26.09
C LEU A 216 39.23 4.86 27.56
N SER A 217 39.28 6.14 27.92
CA SER A 217 39.43 6.52 29.32
C SER A 217 38.15 6.18 30.06
N VAL A 218 38.24 5.33 31.07
CA VAL A 218 37.08 4.93 31.86
C VAL A 218 37.06 5.42 33.30
N SER A 219 38.11 6.14 33.71
CA SER A 219 38.11 6.85 34.98
C SER A 219 38.54 8.30 34.80
N ARG A 220 38.20 9.09 35.80
CA ARG A 220 38.65 10.46 35.91
C ARG A 220 39.07 10.71 37.35
N ALA A 221 40.02 11.63 37.54
CA ALA A 221 40.44 12.04 38.89
C ALA A 221 39.28 12.68 39.64
N ARG A 222 39.13 12.35 40.92
CA ARG A 222 37.93 12.68 41.71
C ARG A 222 37.66 14.20 41.87
N ALA A 223 38.74 15.00 41.87
CA ALA A 223 38.61 16.45 41.95
C ALA A 223 37.85 17.01 40.75
N THR A 224 38.22 16.53 39.56
CA THR A 224 37.58 16.94 38.30
C THR A 224 36.06 16.74 38.26
N LEU A 225 35.56 15.72 38.95
CA LEU A 225 34.12 15.36 38.94
C LEU A 225 33.36 15.93 40.13
N HIS A 226 34.02 16.80 40.92
CA HIS A 226 33.44 17.39 42.13
C HIS A 226 32.92 16.28 43.07
N ASN A 227 33.65 15.16 43.09
CA ASN A 227 33.30 13.96 43.85
C ASN A 227 31.87 13.44 43.67
N TRP A 228 31.31 13.60 42.47
CA TRP A 228 29.93 13.22 42.20
C TRP A 228 29.88 12.10 41.15
N ALA A 229 30.25 10.92 41.61
CA ALA A 229 30.43 9.77 40.75
C ALA A 229 30.71 8.52 41.59
N ILE A 230 30.75 7.38 40.93
CA ILE A 230 31.00 6.12 41.60
C ILE A 230 32.52 5.93 41.72
N PRO A 231 33.05 5.65 42.92
CA PRO A 231 34.49 5.40 43.01
C PRO A 231 34.92 4.09 42.33
N VAL A 232 36.08 4.13 41.72
CA VAL A 232 36.71 2.96 41.14
C VAL A 232 37.01 1.96 42.27
N PRO A 233 36.61 0.69 42.11
CA PRO A 233 36.94 -0.35 43.10
C PRO A 233 38.44 -0.45 43.36
N GLY A 234 38.82 -0.42 44.64
CA GLY A 234 40.21 -0.48 45.04
C GLY A 234 41.06 0.75 44.72
N ASN A 235 40.42 1.88 44.40
CA ASN A 235 41.13 3.13 44.19
C ASN A 235 40.22 4.36 44.32
N PRO A 236 40.02 4.84 45.56
CA PRO A 236 39.08 5.96 45.77
C PRO A 236 39.53 7.34 45.27
N ASP A 237 40.75 7.48 44.76
CA ASP A 237 41.17 8.73 44.11
C ASP A 237 40.60 8.91 42.70
N HIS A 238 40.13 7.82 42.10
CA HIS A 238 39.52 7.85 40.79
C HIS A 238 38.02 7.54 40.86
N CYS A 239 37.29 8.12 39.92
CA CYS A 239 35.86 7.90 39.76
C CYS A 239 35.60 7.22 38.41
N VAL A 240 34.53 6.42 38.35
CA VAL A 240 34.14 5.73 37.13
C VAL A 240 33.49 6.73 36.16
N TYR A 241 33.97 6.73 34.91
CA TYR A 241 33.44 7.50 33.74
C TYR A 241 31.96 7.45 33.74
N VAL A 242 31.30 8.60 33.79
CA VAL A 242 29.85 8.65 33.79
C VAL A 242 29.18 7.80 32.69
N TRP A 243 29.85 7.55 31.56
CA TRP A 243 29.27 6.72 30.50
C TRP A 243 29.29 5.22 30.75
N LEU A 244 30.34 4.70 31.40
CA LEU A 244 30.38 3.27 31.80
C LEU A 244 29.36 2.98 32.91
N ASP A 245 29.33 3.89 33.88
CA ASP A 245 28.26 4.06 34.88
C ASP A 245 26.93 4.05 34.14
N ALA A 246 26.73 5.00 33.22
CA ALA A 246 25.43 5.21 32.57
C ALA A 246 24.99 3.99 31.76
N LEU A 247 25.86 3.51 30.87
CA LEU A 247 25.50 2.38 30.02
C LEU A 247 25.10 1.16 30.86
N THR A 248 25.73 1.00 32.01
CA THR A 248 25.51 -0.16 32.87
C THR A 248 24.09 -0.22 33.45
N ASN A 249 23.33 0.87 33.38
CA ASN A 249 21.94 0.87 33.83
C ASN A 249 21.13 -0.26 33.19
N TYR A 250 21.44 -0.57 31.93
CA TYR A 250 20.73 -1.60 31.21
C TYR A 250 20.93 -2.95 31.86
N LEU A 251 22.18 -3.24 32.23
CA LEU A 251 22.49 -4.48 32.96
C LEU A 251 21.82 -4.49 34.32
N THR A 252 21.94 -3.39 35.06
CA THR A 252 21.28 -3.25 36.36
C THR A 252 19.79 -3.51 36.26
N GLY A 253 19.14 -2.84 35.32
CA GLY A 253 17.69 -2.94 35.15
C GLY A 253 17.23 -4.36 34.86
N SER A 254 18.05 -5.09 34.11
CA SER A 254 17.74 -6.46 33.79
C SER A 254 17.81 -7.39 35.00
N ARG A 255 18.41 -6.93 36.10
CA ARG A 255 18.61 -7.71 37.32
C ARG A 255 17.75 -7.27 38.54
N LEU A 256 16.93 -6.24 38.38
CA LEU A 256 16.08 -5.75 39.47
C LEU A 256 14.70 -6.40 39.44
N ARG A 257 14.30 -6.98 40.58
CA ARG A 257 12.90 -7.34 40.82
C ARG A 257 12.12 -6.12 41.29
N VAL A 258 10.92 -5.94 40.73
CA VAL A 258 10.13 -4.73 40.95
C VAL A 258 8.73 -5.10 41.48
N ASP A 259 8.29 -4.47 42.57
CA ASP A 259 6.93 -4.71 43.13
C ASP A 259 5.83 -4.03 42.30
N GLU A 260 4.57 -4.28 42.66
CA GLU A 260 3.41 -3.71 41.92
C GLU A 260 3.31 -2.17 41.92
N SER A 261 3.96 -1.50 42.88
CA SER A 261 4.05 -0.02 42.90
C SER A 261 5.24 0.58 42.13
N GLY A 262 6.08 -0.26 41.51
CA GLY A 262 7.22 0.21 40.70
C GLY A 262 8.55 0.47 41.41
N LYS A 263 8.64 0.18 42.72
CA LYS A 263 9.92 0.27 43.46
C LYS A 263 10.77 -1.01 43.32
N GLU A 264 12.08 -0.81 43.15
CA GLU A 264 13.08 -1.88 43.17
C GLU A 264 13.16 -2.54 44.54
N VAL A 265 13.01 -3.87 44.59
CA VAL A 265 13.04 -4.60 45.87
C VAL A 265 14.24 -5.55 46.05
N SER A 266 14.90 -5.96 44.96
CA SER A 266 15.90 -7.01 45.05
C SER A 266 16.77 -7.02 43.79
N LEU A 267 18.09 -7.11 43.96
CA LEU A 267 19.03 -7.22 42.85
C LEU A 267 19.51 -8.66 42.76
N VAL A 268 19.15 -9.37 41.70
CA VAL A 268 19.58 -10.77 41.55
C VAL A 268 21.04 -10.86 41.09
N ASP A 269 21.69 -11.95 41.47
CA ASP A 269 23.10 -12.19 41.14
C ASP A 269 23.32 -12.46 39.66
N ASP A 270 22.44 -13.27 39.07
CA ASP A 270 22.58 -13.72 37.70
C ASP A 270 21.47 -13.10 36.84
N PHE A 271 21.84 -12.47 35.73
CA PHE A 271 20.86 -11.84 34.82
C PHE A 271 19.86 -12.86 34.26
N ASN A 272 20.29 -14.09 34.01
CA ASN A 272 19.42 -15.13 33.47
C ASN A 272 18.17 -15.43 34.33
N GLU A 273 18.25 -15.17 35.62
CA GLU A 273 17.10 -15.35 36.49
C GLU A 273 15.84 -14.57 36.06
N LEU A 274 16.03 -13.35 35.54
CA LEU A 274 14.89 -12.52 35.10
C LEU A 274 14.62 -12.55 33.58
N GLU A 275 15.49 -13.21 32.80
CA GLU A 275 15.26 -13.43 31.36
C GLU A 275 15.13 -12.13 30.50
N ARG A 276 15.76 -11.04 30.93
CA ARG A 276 15.68 -9.75 30.24
C ARG A 276 16.94 -9.45 29.42
N PHE A 277 18.11 -9.65 30.02
CA PHE A 277 19.37 -9.32 29.37
C PHE A 277 19.72 -10.35 28.29
N PRO A 278 20.23 -9.94 27.14
CA PRO A 278 20.46 -8.56 26.74
C PRO A 278 19.23 -7.90 26.15
N ALA A 279 19.29 -6.58 25.94
CA ALA A 279 18.18 -5.83 25.38
C ALA A 279 17.88 -6.30 23.98
N ASP A 280 16.59 -6.42 23.69
CA ASP A 280 16.12 -6.72 22.34
C ASP A 280 16.14 -5.44 21.50
N VAL A 281 15.73 -4.32 22.09
CA VAL A 281 15.84 -3.00 21.45
C VAL A 281 16.38 -1.94 22.42
N HIS A 282 17.41 -1.23 21.99
CA HIS A 282 17.89 -0.03 22.64
C HIS A 282 17.44 1.17 21.82
N VAL A 283 16.52 1.97 22.35
CA VAL A 283 16.10 3.22 21.70
C VAL A 283 17.03 4.34 22.16
N ILE A 284 17.68 5.02 21.22
CA ILE A 284 18.54 6.17 21.50
C ILE A 284 18.40 7.27 20.46
N GLY A 285 18.80 8.48 20.82
CA GLY A 285 18.96 9.55 19.84
C GLY A 285 20.27 9.39 19.10
N LYS A 286 20.39 10.02 17.94
CA LYS A 286 21.62 9.91 17.11
C LYS A 286 22.89 10.47 17.79
N ASP A 287 22.68 11.39 18.72
CA ASP A 287 23.74 11.93 19.56
C ASP A 287 24.57 10.93 20.39
N ILE A 288 24.05 9.75 20.72
CA ILE A 288 24.76 8.80 21.61
C ILE A 288 25.05 7.45 20.96
N LEU A 289 25.14 7.46 19.65
CA LEU A 289 25.27 6.24 18.88
C LEU A 289 26.59 5.54 19.17
N LYS A 290 27.69 6.28 19.28
CA LYS A 290 29.01 5.64 19.39
C LYS A 290 29.13 4.91 20.71
N PHE A 291 28.53 5.50 21.75
CA PHE A 291 28.55 4.97 23.09
C PHE A 291 27.81 3.61 23.15
N HIS A 292 26.67 3.52 22.46
CA HIS A 292 25.84 2.31 22.41
C HIS A 292 26.26 1.26 21.38
N ALA A 293 26.86 1.67 20.27
CA ALA A 293 27.23 0.76 19.19
C ALA A 293 28.70 0.34 19.19
N ILE A 294 29.56 1.09 19.89
CA ILE A 294 30.98 0.79 19.97
C ILE A 294 31.38 0.44 21.40
N TYR A 295 31.23 1.38 22.32
CA TYR A 295 31.74 1.18 23.69
C TYR A 295 31.00 0.07 24.42
N TRP A 296 29.69 0.17 24.39
CA TRP A 296 28.80 -0.75 25.11
C TRP A 296 29.04 -2.21 24.70
N PRO A 297 28.96 -2.55 23.39
CA PRO A 297 29.24 -3.95 23.05
C PRO A 297 30.68 -4.41 23.35
N ALA A 298 31.64 -3.49 23.34
CA ALA A 298 33.02 -3.81 23.68
C ALA A 298 33.16 -4.20 25.16
N PHE A 299 32.50 -3.46 26.04
CA PHE A 299 32.45 -3.82 27.47
C PHE A 299 31.80 -5.18 27.68
N LEU A 300 30.74 -5.46 26.93
CA LEU A 300 30.02 -6.71 27.06
C LEU A 300 30.86 -7.86 26.54
N LEU A 301 31.53 -7.64 25.41
CA LEU A 301 32.49 -8.64 24.89
C LEU A 301 33.60 -8.98 25.89
N SER A 302 34.20 -7.95 26.51
CA SER A 302 35.21 -8.13 27.56
C SER A 302 34.67 -8.96 28.71
N ALA A 303 33.50 -8.56 29.21
CA ALA A 303 32.90 -9.24 30.36
C ALA A 303 32.34 -10.64 30.07
N GLY A 304 32.33 -11.07 28.81
CA GLY A 304 31.69 -12.32 28.41
C GLY A 304 30.18 -12.27 28.56
N LEU A 305 29.57 -11.10 28.34
CA LEU A 305 28.13 -10.91 28.44
C LEU A 305 27.50 -10.86 27.05
N PRO A 306 26.22 -11.24 26.92
CA PRO A 306 25.58 -11.23 25.59
C PRO A 306 25.30 -9.82 25.09
N LEU A 307 25.34 -9.65 23.77
CA LEU A 307 25.19 -8.34 23.14
C LEU A 307 23.74 -8.08 22.80
N PRO A 308 23.33 -6.79 22.78
CA PRO A 308 21.94 -6.48 22.42
C PRO A 308 21.61 -6.87 20.97
N LYS A 309 20.33 -7.06 20.69
CA LYS A 309 19.89 -7.49 19.38
C LYS A 309 19.83 -6.33 18.39
N LYS A 310 19.22 -5.23 18.80
CA LYS A 310 19.03 -4.06 17.96
C LYS A 310 19.32 -2.79 18.76
N ILE A 311 19.97 -1.83 18.11
CA ILE A 311 20.03 -0.43 18.55
C ILE A 311 19.30 0.39 17.50
N VAL A 312 18.27 1.15 17.90
CA VAL A 312 17.58 2.05 16.97
C VAL A 312 17.90 3.49 17.36
N ALA A 313 18.44 4.25 16.40
CA ALA A 313 18.86 5.64 16.63
C ALA A 313 17.99 6.58 15.83
N HIS A 314 17.26 7.47 16.52
CA HIS A 314 16.32 8.41 15.86
C HIS A 314 16.95 9.79 15.65
N GLY A 315 16.32 10.53 14.77
CA GLY A 315 16.79 11.81 14.36
C GLY A 315 16.50 12.97 15.23
N TRP A 316 16.77 12.83 16.50
CA TRP A 316 16.57 13.90 17.42
C TRP A 316 17.82 13.95 18.26
N TRP A 317 18.14 15.12 18.73
CA TRP A 317 19.23 15.29 19.61
C TRP A 317 18.42 15.20 20.86
N THR A 318 18.51 14.11 21.59
CA THR A 318 17.71 13.96 22.79
C THR A 318 18.02 15.08 23.76
N LYS A 319 19.29 15.41 23.92
CA LYS A 319 19.68 16.47 24.83
C LYS A 319 20.30 17.63 24.07
N ASN A 330 11.60 29.81 21.48
CA ASN A 330 11.09 28.66 20.72
C ASN A 330 10.87 27.44 21.65
N VAL A 331 9.76 27.46 22.39
CA VAL A 331 9.40 26.39 23.32
C VAL A 331 8.42 25.41 22.66
N PHE A 332 8.56 24.13 23.00
CA PHE A 332 7.59 23.10 22.64
C PHE A 332 7.36 22.18 23.84
N ASP A 333 6.45 22.58 24.72
CA ASP A 333 6.14 21.79 25.93
C ASP A 333 5.13 20.70 25.52
N PRO A 334 5.54 19.41 25.62
CA PRO A 334 4.62 18.34 25.21
C PRO A 334 3.39 18.20 26.09
N VAL A 335 3.53 18.46 27.39
CA VAL A 335 2.41 18.38 28.33
C VAL A 335 1.38 19.47 28.00
N GLU A 336 1.85 20.63 27.53
CA GLU A 336 0.98 21.73 27.14
C GLU A 336 0.21 21.41 25.86
N LYS A 337 0.90 20.87 24.86
CA LYS A 337 0.27 20.50 23.58
C LYS A 337 -0.72 19.34 23.74
N ALA A 338 -0.36 18.37 24.57
CA ALA A 338 -1.25 17.25 24.89
C ALA A 338 -2.56 17.70 25.53
N GLU A 339 -2.52 18.74 26.36
CA GLU A 339 -3.73 19.31 26.95
C GLU A 339 -4.60 20.06 25.92
N GLU A 340 -3.96 20.68 24.91
CA GLU A 340 -4.69 21.37 23.86
C GLU A 340 -5.28 20.44 22.78
N PHE A 341 -4.53 19.43 22.36
CA PHE A 341 -4.90 18.60 21.22
C PHE A 341 -5.27 17.14 21.55
N GLY A 342 -4.97 16.68 22.76
CA GLY A 342 -5.13 15.29 23.17
C GLY A 342 -3.80 14.56 23.31
N TYR A 343 -3.71 13.67 24.30
CA TYR A 343 -2.47 12.92 24.56
C TYR A 343 -2.13 11.93 23.44
N ASP A 344 -3.07 11.02 23.14
CA ASP A 344 -2.90 10.10 22.00
C ASP A 344 -2.61 10.79 20.67
N ALA A 345 -3.27 11.93 20.43
CA ALA A 345 -3.11 12.67 19.19
C ALA A 345 -1.71 13.22 18.99
N LEU A 346 -1.14 13.75 20.08
CA LEU A 346 0.22 14.24 20.09
C LEU A 346 1.20 13.09 19.86
N LYS A 347 1.00 11.98 20.57
CA LYS A 347 1.83 10.80 20.38
C LYS A 347 1.78 10.34 18.93
N TYR A 348 0.57 10.27 18.39
CA TYR A 348 0.38 9.96 16.98
C TYR A 348 1.18 10.91 16.08
N PHE A 349 1.07 12.21 16.34
CA PHE A 349 1.80 13.18 15.52
C PHE A 349 3.31 12.98 15.52
N LEU A 350 3.89 12.84 16.70
CA LEU A 350 5.34 12.71 16.82
C LEU A 350 5.89 11.47 16.11
N LEU A 351 5.13 10.39 16.19
CA LEU A 351 5.53 9.13 15.60
C LEU A 351 5.23 9.10 14.12
N ARG A 352 4.18 9.81 13.70
CA ARG A 352 3.81 9.86 12.28
C ARG A 352 4.63 10.90 11.51
N GLU A 353 4.93 12.03 12.14
CA GLU A 353 5.49 13.17 11.42
C GLU A 353 6.93 12.96 10.97
N SER A 354 7.72 12.25 11.75
CA SER A 354 9.09 11.98 11.34
C SER A 354 9.53 10.56 11.53
N GLY A 355 10.31 10.09 10.55
CA GLY A 355 11.06 8.85 10.64
C GLY A 355 12.43 9.29 11.10
N PHE A 356 13.47 8.74 10.49
CA PHE A 356 14.85 8.91 10.98
C PHE A 356 15.54 10.19 10.44
N SER A 357 15.00 11.33 10.87
CA SER A 357 15.50 12.67 10.53
C SER A 357 14.86 13.74 11.46
N ASP A 358 15.48 14.92 11.53
CA ASP A 358 14.81 16.10 12.13
C ASP A 358 13.67 16.59 11.22
N ASP A 359 13.80 16.28 9.93
CA ASP A 359 13.05 16.91 8.83
C ASP A 359 11.59 16.47 8.79
N GLY A 360 10.69 17.43 8.94
CA GLY A 360 9.26 17.21 9.18
C GLY A 360 8.88 18.28 10.20
N ASP A 361 7.84 19.05 9.91
CA ASP A 361 7.59 20.28 10.67
C ASP A 361 6.75 19.92 11.90
N TYR A 362 7.03 20.62 13.01
CA TYR A 362 6.38 20.38 14.31
C TYR A 362 5.49 21.55 14.70
N SER A 363 4.73 22.01 13.71
CA SER A 363 4.01 23.26 13.80
C SER A 363 2.59 22.96 14.19
N ASP A 364 1.90 23.93 14.82
CA ASP A 364 0.47 23.81 15.13
C ASP A 364 -0.36 23.60 13.85
N LYS A 365 0.07 24.22 12.77
CA LYS A 365 -0.55 24.08 11.46
C LYS A 365 -0.59 22.61 11.01
N ASN A 366 0.57 21.96 11.03
CA ASN A 366 0.66 20.55 10.64
C ASN A 366 0.06 19.56 11.64
N MET A 367 0.16 19.90 12.93
CA MET A 367 -0.44 19.13 14.00
C MET A 367 -1.96 19.07 13.80
N ILE A 368 -2.57 20.21 13.52
CA ILE A 368 -4.00 20.29 13.23
C ILE A 368 -4.31 19.59 11.90
N ALA A 369 -3.43 19.77 10.93
CA ALA A 369 -3.59 19.11 9.62
C ALA A 369 -3.66 17.58 9.71
N ARG A 370 -2.89 16.98 10.60
CA ARG A 370 -2.92 15.53 10.82
C ARG A 370 -4.06 15.09 11.73
N LEU A 371 -4.24 15.81 12.84
CA LEU A 371 -5.40 15.60 13.71
C LEU A 371 -6.72 15.58 12.91
N ASN A 372 -6.91 16.57 12.04
CA ASN A 372 -8.14 16.68 11.25
C ASN A 372 -8.21 15.67 10.12
N GLY A 373 -7.17 15.62 9.30
CA GLY A 373 -7.14 14.75 8.14
C GLY A 373 -7.15 13.26 8.47
N GLU A 374 -6.22 12.83 9.31
CA GLU A 374 -6.00 11.42 9.60
C GLU A 374 -6.85 10.96 10.77
N LEU A 375 -6.70 11.57 11.93
CA LEU A 375 -7.38 11.08 13.14
C LEU A 375 -8.88 11.27 13.10
N ALA A 376 -9.33 12.44 12.67
CA ALA A 376 -10.77 12.75 12.60
C ALA A 376 -11.45 12.23 11.33
N ASP A 377 -10.98 12.68 10.16
CA ASP A 377 -11.65 12.38 8.88
C ASP A 377 -11.44 10.98 8.39
N THR A 378 -10.25 10.41 8.64
CA THR A 378 -9.99 9.04 8.22
C THR A 378 -10.47 8.08 9.29
N LEU A 379 -9.89 8.13 10.49
CA LEU A 379 -10.21 7.14 11.55
C LEU A 379 -11.54 7.42 12.25
N GLY A 380 -11.66 8.62 12.80
CA GLY A 380 -12.82 9.02 13.58
C GLY A 380 -14.13 8.87 12.83
N ASN A 381 -14.19 9.48 11.65
CA ASN A 381 -15.35 9.43 10.76
C ASN A 381 -15.83 8.00 10.53
N LEU A 382 -14.88 7.12 10.28
CA LEU A 382 -15.13 5.73 9.95
C LEU A 382 -15.74 4.96 11.12
N VAL A 383 -15.30 5.28 12.32
CA VAL A 383 -15.81 4.67 13.55
C VAL A 383 -17.26 5.07 13.77
N MET A 384 -17.56 6.35 13.55
CA MET A 384 -18.94 6.84 13.71
C MET A 384 -19.88 6.20 12.67
N ARG A 385 -19.47 6.18 11.40
CA ARG A 385 -20.26 5.54 10.32
C ARG A 385 -20.68 4.10 10.65
N CYS A 386 -19.73 3.25 11.03
CA CYS A 386 -20.03 1.84 11.26
C CYS A 386 -20.75 1.55 12.58
N THR A 387 -20.82 2.54 13.47
CA THR A 387 -21.53 2.43 14.75
C THR A 387 -22.82 3.25 14.86
N SER A 388 -23.07 4.19 13.95
CA SER A 388 -24.25 5.08 14.05
C SER A 388 -25.54 4.32 13.94
N ALA A 389 -26.56 4.79 14.64
CA ALA A 389 -27.92 4.22 14.61
C ALA A 389 -28.57 4.32 13.23
N LYS A 390 -28.18 5.34 12.47
CA LYS A 390 -28.57 5.50 11.07
C LYS A 390 -28.27 4.27 10.20
N ILE A 391 -27.01 3.85 10.21
CA ILE A 391 -26.50 2.79 9.33
C ILE A 391 -26.56 1.42 10.00
N ASN A 392 -26.02 1.34 11.22
CA ASN A 392 -26.06 0.12 12.03
C ASN A 392 -27.30 0.21 12.92
N VAL A 393 -28.45 -0.16 12.35
CA VAL A 393 -29.75 0.01 13.02
C VAL A 393 -29.95 -0.93 14.22
N ASN A 394 -29.45 -2.17 14.12
CA ASN A 394 -29.56 -3.11 15.23
C ASN A 394 -28.53 -2.97 16.35
N GLY A 395 -27.53 -2.11 16.17
CA GLY A 395 -26.46 -1.94 17.16
C GLY A 395 -25.74 -3.25 17.41
N GLU A 396 -25.22 -3.85 16.34
CA GLU A 396 -24.54 -5.13 16.44
C GLU A 396 -23.68 -5.42 15.22
N TRP A 397 -22.81 -6.41 15.37
CA TRP A 397 -22.02 -6.94 14.26
C TRP A 397 -22.92 -7.86 13.43
N PRO A 398 -23.31 -7.42 12.20
CA PRO A 398 -24.17 -8.27 11.41
C PRO A 398 -23.43 -9.46 10.83
N SER A 399 -24.21 -10.45 10.42
CA SER A 399 -23.69 -11.65 9.79
C SER A 399 -23.60 -11.36 8.28
N PRO A 400 -22.41 -11.55 7.67
CA PRO A 400 -22.28 -11.13 6.26
C PRO A 400 -22.91 -12.10 5.28
N ALA A 401 -23.39 -11.59 4.14
CA ALA A 401 -23.87 -12.41 3.03
C ALA A 401 -22.69 -12.78 2.14
N ALA A 402 -22.95 -13.13 0.88
CA ALA A 402 -21.88 -13.43 -0.06
C ALA A 402 -21.01 -12.20 -0.35
N TYR A 403 -19.72 -12.46 -0.53
CA TYR A 403 -18.73 -11.42 -0.80
C TYR A 403 -18.56 -11.23 -2.30
N THR A 404 -18.56 -9.98 -2.75
CA THR A 404 -18.17 -9.62 -4.11
C THR A 404 -16.66 -9.58 -4.22
N GLU A 405 -16.14 -9.48 -5.45
CA GLU A 405 -14.70 -9.33 -5.68
C GLU A 405 -14.16 -8.05 -5.02
N GLU A 406 -14.96 -6.98 -5.01
CA GLU A 406 -14.57 -5.73 -4.33
C GLU A 406 -14.47 -5.90 -2.80
N ASP A 407 -15.44 -6.59 -2.20
CA ASP A 407 -15.34 -7.02 -0.81
C ASP A 407 -14.02 -7.75 -0.52
N GLU A 408 -13.69 -8.71 -1.37
CA GLU A 408 -12.51 -9.56 -1.17
C GLU A 408 -11.20 -8.81 -1.30
N SER A 409 -11.18 -7.76 -2.13
CA SER A 409 -9.98 -6.94 -2.28
C SER A 409 -9.71 -6.17 -0.99
N LEU A 410 -10.77 -5.68 -0.35
CA LEU A 410 -10.62 -5.00 0.93
C LEU A 410 -10.25 -5.96 2.05
N ILE A 411 -10.90 -7.12 2.07
CA ILE A 411 -10.61 -8.18 3.04
C ILE A 411 -9.14 -8.60 3.00
N GLN A 412 -8.60 -8.73 1.79
CA GLN A 412 -7.22 -9.12 1.62
C GLN A 412 -6.30 -8.09 2.23
N LEU A 413 -6.59 -6.80 2.02
CA LEU A 413 -5.81 -5.73 2.62
C LEU A 413 -5.80 -5.83 4.16
N ILE A 414 -6.96 -6.14 4.73
CA ILE A 414 -7.14 -6.27 6.15
C ILE A 414 -6.38 -7.50 6.68
N LYS A 415 -6.49 -8.60 5.95
CA LYS A 415 -5.75 -9.84 6.28
C LYS A 415 -4.23 -9.68 6.19
N ASP A 416 -3.76 -8.93 5.21
CA ASP A 416 -2.33 -8.78 4.98
C ASP A 416 -1.69 -7.78 5.94
N LEU A 417 -2.50 -6.90 6.50
CA LEU A 417 -2.01 -5.81 7.35
C LEU A 417 -1.21 -6.24 8.58
N PRO A 418 -1.68 -7.23 9.36
CA PRO A 418 -0.91 -7.55 10.57
C PRO A 418 0.52 -8.02 10.31
N GLY A 419 0.72 -8.79 9.25
CA GLY A 419 2.05 -9.25 8.91
C GLY A 419 2.98 -8.13 8.48
N THR A 420 2.41 -7.16 7.77
CA THR A 420 3.14 -6.00 7.29
C THR A 420 3.48 -5.07 8.45
N ALA A 421 2.47 -4.76 9.27
CA ALA A 421 2.65 -3.94 10.46
C ALA A 421 3.64 -4.56 11.44
N ASP A 422 3.56 -5.89 11.61
CA ASP A 422 4.51 -6.64 12.45
C ASP A 422 5.94 -6.43 12.00
N HIS A 423 6.20 -6.55 10.70
CA HIS A 423 7.57 -6.37 10.22
C HIS A 423 8.06 -4.96 10.53
N TYR A 424 7.23 -3.96 10.25
CA TYR A 424 7.59 -2.56 10.51
C TYR A 424 7.86 -2.32 11.99
N TYR A 425 6.98 -2.79 12.86
CA TYR A 425 7.17 -2.70 14.32
C TYR A 425 8.47 -3.37 14.79
N LEU A 426 8.83 -4.48 14.18
CA LEU A 426 10.03 -5.21 14.57
C LEU A 426 11.34 -4.63 14.05
N ILE A 427 11.30 -3.74 13.07
CA ILE A 427 12.52 -3.19 12.48
C ILE A 427 13.46 -2.55 13.52
N PRO A 428 12.99 -1.62 14.36
CA PRO A 428 11.63 -1.04 14.39
C PRO A 428 11.52 0.24 13.57
N ASP A 429 10.39 0.43 12.89
CA ASP A 429 10.08 1.66 12.15
C ASP A 429 8.59 1.97 12.36
N ILE A 430 8.31 2.76 13.37
CA ILE A 430 6.94 3.00 13.83
C ILE A 430 6.16 3.89 12.85
N GLN A 431 6.84 4.83 12.21
CA GLN A 431 6.21 5.66 11.17
C GLN A 431 5.62 4.82 10.04
N LYS A 432 6.39 3.82 9.58
CA LYS A 432 5.94 2.95 8.50
C LYS A 432 4.79 2.06 8.96
N ALA A 433 4.83 1.62 10.21
CA ALA A 433 3.74 0.82 10.76
C ALA A 433 2.42 1.62 10.74
N ILE A 434 2.50 2.90 11.11
CA ILE A 434 1.33 3.77 11.12
C ILE A 434 0.82 4.00 9.70
N ILE A 435 1.73 4.34 8.78
CA ILE A 435 1.35 4.56 7.40
C ILE A 435 0.67 3.32 6.83
N ALA A 436 1.19 2.14 7.14
CA ALA A 436 0.61 0.89 6.64
C ALA A 436 -0.83 0.72 7.13
N VAL A 437 -1.10 1.07 8.38
CA VAL A 437 -2.46 0.93 8.91
C VAL A 437 -3.37 1.93 8.24
N PHE A 438 -2.94 3.18 8.18
CA PHE A 438 -3.76 4.22 7.58
C PHE A 438 -4.01 4.03 6.08
N ASP A 439 -3.08 3.39 5.36
CA ASP A 439 -3.35 2.97 3.98
C ASP A 439 -4.60 2.11 3.93
N VAL A 440 -4.72 1.19 4.88
CA VAL A 440 -5.90 0.31 4.95
C VAL A 440 -7.12 1.11 5.41
N LEU A 441 -6.92 2.05 6.32
CA LEU A 441 -8.03 2.92 6.75
C LEU A 441 -8.57 3.75 5.57
N ARG A 442 -7.67 4.34 4.78
CA ARG A 442 -8.06 5.07 3.55
C ARG A 442 -8.89 4.19 2.61
N ALA A 443 -8.40 2.98 2.38
CA ALA A 443 -9.10 1.98 1.57
C ALA A 443 -10.49 1.64 2.09
N ILE A 444 -10.64 1.49 3.41
CA ILE A 444 -11.93 1.14 3.99
C ILE A 444 -12.89 2.30 3.78
N ASN A 445 -12.41 3.52 3.95
CA ASN A 445 -13.24 4.70 3.70
C ASN A 445 -13.73 4.75 2.28
N ALA A 446 -12.81 4.54 1.34
CA ALA A 446 -13.12 4.50 -0.10
C ALA A 446 -14.20 3.47 -0.42
N TYR A 447 -14.05 2.28 0.17
CA TYR A 447 -15.05 1.21 0.07
C TYR A 447 -16.44 1.64 0.59
N VAL A 448 -16.47 2.32 1.73
CA VAL A 448 -17.72 2.74 2.35
C VAL A 448 -18.40 3.81 1.48
N THR A 449 -17.61 4.75 0.98
CA THR A 449 -18.08 5.75 0.02
C THR A 449 -18.62 5.08 -1.24
N ASP A 450 -17.88 4.12 -1.79
CA ASP A 450 -18.32 3.38 -2.96
C ASP A 450 -19.65 2.65 -2.70
N MET A 451 -19.75 1.95 -1.58
CA MET A 451 -20.93 1.12 -1.28
C MET A 451 -22.10 1.88 -0.71
N ALA A 452 -21.85 3.07 -0.17
CA ALA A 452 -22.91 3.96 0.38
C ALA A 452 -23.94 3.22 1.27
N PRO A 453 -23.49 2.71 2.44
CA PRO A 453 -24.38 1.89 3.29
C PRO A 453 -25.60 2.66 3.83
N TRP A 454 -25.48 3.97 3.97
CA TRP A 454 -26.62 4.83 4.27
C TRP A 454 -27.79 4.65 3.28
N LYS A 455 -27.48 4.53 1.98
CA LYS A 455 -28.50 4.18 0.99
C LYS A 455 -29.00 2.73 1.14
N LEU A 456 -28.10 1.81 1.45
CA LEU A 456 -28.42 0.39 1.52
C LEU A 456 -29.39 -0.03 2.64
N VAL A 457 -29.57 0.80 3.67
CA VAL A 457 -30.55 0.50 4.73
C VAL A 457 -31.96 0.31 4.14
N LYS A 458 -32.34 1.19 3.21
CA LYS A 458 -33.64 1.13 2.53
C LYS A 458 -33.60 0.15 1.34
N THR A 459 -32.61 0.32 0.45
CA THR A 459 -32.52 -0.46 -0.80
C THR A 459 -32.26 -1.96 -0.60
N ASP A 460 -31.16 -2.30 0.07
CA ASP A 460 -30.64 -3.68 0.07
C ASP A 460 -30.05 -4.10 1.44
N PRO A 461 -30.93 -4.44 2.41
CA PRO A 461 -30.48 -4.89 3.74
C PRO A 461 -29.51 -6.07 3.77
N GLU A 462 -29.65 -7.01 2.84
CA GLU A 462 -28.77 -8.19 2.77
C GLU A 462 -27.34 -7.74 2.46
N ARG A 463 -27.23 -6.81 1.51
CA ARG A 463 -25.94 -6.23 1.11
C ARG A 463 -25.30 -5.39 2.24
N LEU A 464 -26.12 -4.60 2.93
CA LEU A 464 -25.65 -3.80 4.06
C LEU A 464 -24.97 -4.62 5.13
N ARG A 465 -25.50 -5.80 5.43
CA ARG A 465 -24.89 -6.71 6.40
C ARG A 465 -23.43 -6.99 6.04
N THR A 466 -23.20 -7.30 4.76
CA THR A 466 -21.85 -7.61 4.28
C THR A 466 -20.93 -6.38 4.38
N VAL A 467 -21.43 -5.23 3.92
CA VAL A 467 -20.64 -3.99 3.89
C VAL A 467 -20.28 -3.54 5.30
N LEU A 468 -21.26 -3.60 6.17
CA LEU A 468 -21.09 -3.18 7.54
C LEU A 468 -20.16 -4.11 8.31
N TYR A 469 -20.32 -5.41 8.11
CA TYR A 469 -19.43 -6.36 8.77
C TYR A 469 -17.97 -6.13 8.39
N ILE A 470 -17.71 -5.97 7.10
CA ILE A 470 -16.36 -5.74 6.62
C ILE A 470 -15.80 -4.45 7.21
N THR A 471 -16.59 -3.40 7.23
CA THR A 471 -16.16 -2.12 7.79
C THR A 471 -15.77 -2.27 9.26
N LEU A 472 -16.68 -2.88 10.04
CA LEU A 472 -16.45 -3.13 11.47
C LEU A 472 -15.17 -3.91 11.72
N GLU A 473 -14.98 -4.97 10.95
CA GLU A 473 -13.79 -5.81 11.12
C GLU A 473 -12.51 -5.09 10.68
N GLY A 474 -12.60 -4.26 9.64
CA GLY A 474 -11.48 -3.43 9.25
C GLY A 474 -11.10 -2.45 10.33
N VAL A 475 -12.11 -1.81 10.92
CA VAL A 475 -11.88 -0.84 11.98
C VAL A 475 -11.28 -1.47 13.23
N ARG A 476 -11.73 -2.68 13.56
CA ARG A 476 -11.18 -3.43 14.70
C ARG A 476 -9.71 -3.77 14.51
N VAL A 477 -9.38 -4.35 13.36
CA VAL A 477 -8.02 -4.85 13.09
C VAL A 477 -7.06 -3.67 12.99
N THR A 478 -7.46 -2.61 12.29
CA THR A 478 -6.62 -1.42 12.20
C THR A 478 -6.39 -0.80 13.58
N THR A 479 -7.45 -0.77 14.39
CA THR A 479 -7.41 -0.18 15.73
C THR A 479 -6.53 -0.98 16.66
N LEU A 480 -6.61 -2.30 16.57
CA LEU A 480 -5.74 -3.18 17.34
C LEU A 480 -4.28 -2.88 17.04
N LEU A 481 -3.92 -2.85 15.77
CA LEU A 481 -2.54 -2.56 15.37
C LEU A 481 -2.12 -1.13 15.66
N LEU A 482 -3.07 -0.21 15.81
CA LEU A 482 -2.81 1.16 16.27
C LEU A 482 -2.85 1.35 17.79
N SER A 483 -3.18 0.31 18.56
CA SER A 483 -3.35 0.46 20.01
C SER A 483 -2.05 0.82 20.76
N PRO A 484 -0.87 0.41 20.26
CA PRO A 484 0.35 0.98 20.87
C PRO A 484 0.55 2.50 20.65
N ILE A 485 0.06 3.04 19.55
CA ILE A 485 0.15 4.48 19.26
C ILE A 485 -0.94 5.25 20.02
N LEU A 486 -2.16 4.72 20.03
CA LEU A 486 -3.34 5.39 20.59
C LEU A 486 -3.92 4.52 21.69
N PRO A 487 -3.20 4.39 22.83
CA PRO A 487 -3.62 3.43 23.85
C PRO A 487 -4.97 3.72 24.50
N ARG A 488 -5.28 4.98 24.72
CA ARG A 488 -6.58 5.37 25.28
C ARG A 488 -7.70 5.34 24.24
N LYS A 489 -7.47 5.96 23.09
CA LYS A 489 -8.51 6.06 22.06
C LYS A 489 -8.88 4.70 21.50
N SER A 490 -7.93 3.76 21.45
CA SER A 490 -8.20 2.39 21.03
C SER A 490 -9.19 1.70 21.95
N VAL A 491 -9.09 1.97 23.25
CA VAL A 491 -10.04 1.45 24.24
C VAL A 491 -11.43 2.08 23.99
N VAL A 492 -11.47 3.38 23.73
CA VAL A 492 -12.73 4.03 23.40
C VAL A 492 -13.33 3.37 22.14
N ILE A 493 -12.50 3.15 21.12
CA ILE A 493 -13.00 2.56 19.86
C ILE A 493 -13.54 1.15 20.11
N PHE A 494 -12.75 0.34 20.79
CA PHE A 494 -13.18 -1.01 21.09
C PHE A 494 -14.48 -1.06 21.92
N ASP A 495 -14.66 -0.10 22.85
CA ASP A 495 -15.89 -0.03 23.65
C ASP A 495 -17.10 0.26 22.76
N MET A 496 -16.94 1.21 21.84
CA MET A 496 -17.99 1.56 20.87
C MET A 496 -18.35 0.38 19.99
N LEU A 497 -17.32 -0.32 19.50
CA LEU A 497 -17.50 -1.54 18.70
C LEU A 497 -18.01 -2.73 19.51
N GLY A 498 -17.90 -2.67 20.83
CA GLY A 498 -18.37 -3.72 21.70
C GLY A 498 -17.48 -4.95 21.70
N VAL A 499 -16.17 -4.75 21.52
CA VAL A 499 -15.22 -5.85 21.37
C VAL A 499 -14.91 -6.35 22.78
N PRO A 500 -15.19 -7.63 23.05
CA PRO A 500 -14.79 -8.20 24.34
C PRO A 500 -13.29 -8.02 24.64
N GLU A 501 -12.96 -7.75 25.91
CA GLU A 501 -11.58 -7.58 26.39
C GLU A 501 -10.61 -8.60 25.80
N VAL A 502 -11.00 -9.87 25.85
CA VAL A 502 -10.17 -10.96 25.34
C VAL A 502 -9.75 -10.80 23.87
N HIS A 503 -10.58 -10.15 23.05
CA HIS A 503 -10.27 -9.87 21.63
C HIS A 503 -9.46 -8.59 21.34
N ARG A 504 -9.00 -7.92 22.38
CA ARG A 504 -8.22 -6.72 22.23
C ARG A 504 -6.76 -7.02 22.40
N LYS A 505 -6.40 -8.28 22.39
CA LYS A 505 -5.06 -8.67 22.58
C LYS A 505 -4.76 -10.00 21.98
N GLY A 506 -3.49 -10.25 21.72
CA GLY A 506 -2.99 -11.50 21.20
C GLY A 506 -2.94 -11.61 19.72
N ILE A 507 -2.03 -12.43 19.24
CA ILE A 507 -1.84 -12.68 17.83
C ILE A 507 -3.02 -13.35 17.25
N GLU A 508 -3.69 -14.12 18.06
CA GLU A 508 -4.89 -14.77 17.56
C GLU A 508 -5.94 -13.75 17.06
N ASN A 509 -5.97 -12.57 17.68
CA ASN A 509 -6.94 -11.56 17.32
C ASN A 509 -6.50 -10.58 16.23
N PHE A 510 -5.30 -10.80 15.70
CA PHE A 510 -4.88 -10.17 14.44
C PHE A 510 -5.63 -10.76 13.23
N GLU A 511 -6.07 -12.01 13.34
CA GLU A 511 -6.80 -12.70 12.27
C GLU A 511 -8.20 -12.14 12.00
N PHE A 512 -8.55 -12.11 10.71
CA PHE A 512 -9.84 -11.65 10.25
C PHE A 512 -10.95 -12.56 10.74
N GLY A 513 -12.03 -11.96 11.23
CA GLY A 513 -13.22 -12.67 11.73
C GLY A 513 -13.22 -13.08 13.20
N ALA A 514 -12.33 -12.51 14.01
CA ALA A 514 -12.12 -13.00 15.38
C ALA A 514 -13.25 -12.64 16.32
N VAL A 515 -13.92 -11.51 16.04
CA VAL A 515 -15.13 -11.12 16.74
C VAL A 515 -16.30 -11.67 15.90
N PRO A 516 -17.18 -12.47 16.54
CA PRO A 516 -18.28 -13.10 15.81
C PRO A 516 -19.50 -12.19 15.60
N PRO A 517 -20.29 -12.45 14.53
CA PRO A 517 -21.56 -11.73 14.34
C PRO A 517 -22.51 -11.93 15.52
N GLY A 518 -23.32 -10.92 15.80
CA GLY A 518 -24.20 -10.93 16.97
C GLY A 518 -23.65 -10.17 18.16
N THR A 519 -22.34 -9.92 18.18
CA THR A 519 -21.72 -9.10 19.20
C THR A 519 -22.39 -7.72 19.21
N ARG A 520 -22.80 -7.25 20.39
CA ARG A 520 -23.51 -5.99 20.52
C ARG A 520 -22.53 -4.85 20.68
N LEU A 521 -22.86 -3.72 20.08
CA LEU A 521 -22.07 -2.48 20.25
C LEU A 521 -22.22 -1.94 21.66
N GLY A 522 -21.26 -1.13 22.08
CA GLY A 522 -21.36 -0.44 23.36
C GLY A 522 -22.34 0.71 23.24
N PRO A 523 -22.83 1.15 24.40
CA PRO A 523 -23.81 2.24 24.49
C PRO A 523 -23.25 3.55 23.96
N ALA A 524 -24.13 4.27 23.27
CA ALA A 524 -23.82 5.53 22.66
C ALA A 524 -23.76 6.57 23.73
N VAL A 525 -23.18 7.70 23.39
CA VAL A 525 -23.05 8.81 24.31
C VAL A 525 -23.80 9.96 23.68
N GLU A 528 -20.89 12.59 22.03
CA GLU A 528 -19.52 12.19 21.95
C GLU A 528 -18.86 12.24 20.60
N VAL A 529 -17.55 12.48 20.66
CA VAL A 529 -16.64 12.35 19.52
C VAL A 529 -15.32 11.72 20.00
N LEU A 530 -14.60 11.12 19.06
CA LEU A 530 -13.30 10.55 19.33
C LEU A 530 -12.22 11.61 19.25
N PHE A 531 -12.15 12.26 18.09
CA PHE A 531 -11.23 13.35 17.84
C PHE A 531 -12.06 14.50 17.29
N SER A 532 -12.12 15.60 18.04
CA SER A 532 -12.85 16.78 17.60
C SER A 532 -11.95 17.59 16.67
N LYS A 533 -12.52 18.04 15.53
CA LYS A 533 -11.76 18.79 14.54
C LYS A 533 -11.48 20.18 15.11
N ARG A 534 -10.45 20.80 14.61
CA ARG A 534 -10.02 22.08 15.11
C ARG A 534 -9.93 23.04 14.00
N SER A 535 -10.16 24.29 14.32
CA SER A 535 -10.13 25.30 13.31
C SER A 535 -8.77 25.53 12.78
N THR A 536 -8.76 26.03 11.56
CA THR A 536 -7.56 26.33 10.87
C THR A 536 -7.42 27.84 10.85
N GLY B 1 -1.57 -12.86 1.09
CA GLY B 1 -2.24 -14.20 0.94
C GLY B 1 -2.38 -14.60 -0.52
N PRO B 2 -2.77 -15.87 -0.77
CA PRO B 2 -2.97 -16.32 -2.15
C PRO B 2 -4.10 -15.59 -2.87
N GLY B 3 -3.97 -15.47 -4.18
CA GLY B 3 -5.04 -14.96 -5.04
C GLY B 3 -6.04 -16.06 -5.38
N SER B 4 -6.95 -15.77 -6.30
CA SER B 4 -7.93 -16.76 -6.75
C SER B 4 -7.24 -17.74 -7.70
N MET B 5 -7.72 -18.97 -7.72
CA MET B 5 -7.17 -19.98 -8.60
C MET B 5 -7.65 -19.75 -10.02
N LYS B 6 -7.04 -20.49 -10.94
CA LYS B 6 -7.39 -20.41 -12.35
C LYS B 6 -8.83 -20.84 -12.53
N VAL B 7 -9.56 -20.18 -13.42
CA VAL B 7 -10.85 -20.70 -13.87
C VAL B 7 -10.64 -21.97 -14.67
N GLU B 8 -11.66 -22.81 -14.64
CA GLU B 8 -11.67 -24.09 -15.34
C GLU B 8 -12.16 -23.95 -16.79
N LYS B 9 -13.05 -23.00 -17.06
CA LYS B 9 -13.59 -22.77 -18.43
C LYS B 9 -12.56 -21.95 -19.17
N VAL B 10 -12.87 -21.57 -20.41
CA VAL B 10 -12.04 -20.60 -21.12
C VAL B 10 -12.52 -19.23 -20.68
N PHE B 11 -11.58 -18.42 -20.20
CA PHE B 11 -11.92 -17.08 -19.73
C PHE B 11 -12.31 -16.25 -20.92
N PHE B 12 -13.55 -15.74 -20.91
CA PHE B 12 -14.16 -15.10 -22.07
C PHE B 12 -14.41 -13.63 -21.77
N VAL B 13 -13.66 -12.77 -22.46
CA VAL B 13 -13.74 -11.32 -22.26
C VAL B 13 -14.05 -10.64 -23.59
N THR B 14 -14.98 -9.67 -23.56
CA THR B 14 -15.45 -9.01 -24.78
C THR B 14 -15.29 -7.50 -24.72
N SER B 15 -15.11 -6.91 -25.89
CA SER B 15 -15.35 -5.48 -26.08
C SER B 15 -16.75 -5.32 -26.69
N PRO B 16 -17.26 -4.08 -26.76
CA PRO B 16 -18.47 -3.88 -27.56
C PRO B 16 -18.08 -4.01 -29.00
N ILE B 17 -19.03 -4.37 -29.86
CA ILE B 17 -18.82 -4.31 -31.31
C ILE B 17 -19.25 -2.92 -31.77
N TYR B 18 -18.40 -2.27 -32.57
CA TYR B 18 -18.53 -0.82 -32.81
C TYR B 18 -19.24 -0.48 -34.13
N TYR B 19 -20.07 0.55 -34.13
CA TYR B 19 -20.82 1.01 -35.31
C TYR B 19 -19.84 1.53 -36.38
N VAL B 20 -20.03 1.15 -37.64
CA VAL B 20 -19.07 1.46 -38.73
C VAL B 20 -19.44 2.70 -39.59
N ASN B 21 -20.31 3.56 -39.07
CA ASN B 21 -20.60 4.86 -39.70
C ASN B 21 -19.50 5.92 -39.40
N ALA B 22 -18.69 5.67 -38.36
CA ALA B 22 -17.54 6.51 -38.00
C ALA B 22 -16.26 5.69 -38.11
N ALA B 23 -15.15 6.39 -38.36
CA ALA B 23 -13.82 5.77 -38.38
C ALA B 23 -13.40 5.55 -36.94
N PRO B 24 -12.47 4.60 -36.71
CA PRO B 24 -12.05 4.37 -35.34
C PRO B 24 -11.41 5.61 -34.66
N HIS B 25 -11.80 5.85 -33.41
CA HIS B 25 -11.32 6.95 -32.57
C HIS B 25 -10.94 6.40 -31.17
N ILE B 26 -10.60 7.30 -30.24
CA ILE B 26 -10.11 6.92 -28.90
C ILE B 26 -11.05 6.05 -28.05
N GLY B 27 -12.35 6.39 -28.03
CA GLY B 27 -13.38 5.55 -27.42
C GLY B 27 -13.29 4.05 -27.70
N HIS B 28 -13.12 3.67 -28.97
CA HIS B 28 -13.06 2.25 -29.33
C HIS B 28 -11.71 1.65 -28.91
N VAL B 29 -10.65 2.41 -29.13
CA VAL B 29 -9.31 2.06 -28.68
C VAL B 29 -9.27 1.79 -27.16
N TYR B 30 -9.91 2.67 -26.39
CA TYR B 30 -9.96 2.53 -24.95
C TYR B 30 -10.74 1.28 -24.55
N SER B 31 -11.95 1.12 -25.08
CA SER B 31 -12.79 -0.04 -24.79
C SER B 31 -12.05 -1.35 -25.06
N THR B 32 -11.41 -1.39 -26.22
CA THR B 32 -10.71 -2.58 -26.67
C THR B 32 -9.41 -2.81 -25.86
N LEU B 33 -8.72 -1.73 -25.49
CA LEU B 33 -7.58 -1.80 -24.57
C LEU B 33 -7.93 -2.49 -23.24
N ILE B 34 -9.07 -2.13 -22.67
CA ILE B 34 -9.51 -2.69 -21.39
C ILE B 34 -9.77 -4.18 -21.60
N THR B 35 -10.45 -4.52 -22.70
CA THR B 35 -10.69 -5.90 -23.05
C THR B 35 -9.36 -6.66 -23.19
N ASP B 36 -8.42 -6.05 -23.89
CA ASP B 36 -7.12 -6.64 -24.16
C ASP B 36 -6.31 -6.92 -22.90
N VAL B 37 -6.31 -5.97 -21.98
CA VAL B 37 -5.57 -6.07 -20.72
C VAL B 37 -6.13 -7.19 -19.87
N ILE B 38 -7.45 -7.25 -19.71
CA ILE B 38 -8.08 -8.31 -18.93
C ILE B 38 -7.67 -9.66 -19.53
N GLY B 39 -7.85 -9.77 -20.84
CA GLY B 39 -7.43 -10.98 -21.55
C GLY B 39 -5.99 -11.36 -21.33
N ARG B 40 -5.10 -10.37 -21.41
CA ARG B 40 -3.69 -10.59 -21.17
C ARG B 40 -3.39 -11.05 -19.74
N TYR B 41 -4.04 -10.44 -18.74
CA TYR B 41 -3.81 -10.83 -17.35
C TYR B 41 -4.13 -12.29 -17.13
N HIS B 42 -5.26 -12.72 -17.67
CA HIS B 42 -5.66 -14.11 -17.51
C HIS B 42 -4.74 -15.07 -18.30
N ARG B 43 -4.23 -14.61 -19.43
CA ARG B 43 -3.20 -15.38 -20.16
C ARG B 43 -1.92 -15.50 -19.35
N VAL B 44 -1.51 -14.42 -18.68
CA VAL B 44 -0.35 -14.43 -17.82
C VAL B 44 -0.55 -15.31 -16.57
N LYS B 45 -1.79 -15.40 -16.12
CA LYS B 45 -2.17 -16.29 -15.03
C LYS B 45 -2.18 -17.77 -15.44
N GLY B 46 -2.03 -18.05 -16.73
CA GLY B 46 -1.95 -19.43 -17.22
C GLY B 46 -3.31 -20.04 -17.50
N GLU B 47 -4.31 -19.18 -17.64
CA GLU B 47 -5.64 -19.60 -18.04
C GLU B 47 -5.76 -19.57 -19.57
N ARG B 48 -6.68 -20.37 -20.09
CA ARG B 48 -7.11 -20.26 -21.46
C ARG B 48 -7.98 -19.00 -21.60
N VAL B 49 -7.75 -18.25 -22.67
CA VAL B 49 -8.45 -17.00 -22.88
C VAL B 49 -8.98 -16.91 -24.30
N PHE B 50 -10.21 -16.40 -24.41
CA PHE B 50 -10.78 -15.98 -25.68
C PHE B 50 -11.26 -14.54 -25.54
N ALA B 51 -10.54 -13.60 -26.15
CA ALA B 51 -10.90 -12.20 -26.15
C ALA B 51 -11.55 -11.83 -27.48
N LEU B 52 -12.65 -11.07 -27.41
CA LEU B 52 -13.49 -10.79 -28.57
C LEU B 52 -13.68 -9.29 -28.77
N THR B 53 -13.55 -8.84 -30.01
CA THR B 53 -13.92 -7.47 -30.41
C THR B 53 -14.54 -7.52 -31.82
N GLY B 54 -15.07 -6.40 -32.30
CA GLY B 54 -15.67 -6.42 -33.62
C GLY B 54 -16.43 -5.20 -34.03
N THR B 55 -17.25 -5.38 -35.07
CA THR B 55 -17.98 -4.29 -35.71
C THR B 55 -19.45 -4.62 -35.90
N ASP B 56 -20.25 -3.58 -35.72
CA ASP B 56 -21.68 -3.64 -35.73
C ASP B 56 -22.10 -2.97 -37.02
N GLU B 57 -22.32 -3.76 -38.04
CA GLU B 57 -22.54 -3.31 -39.38
C GLU B 57 -23.87 -3.05 -40.05
N HIS B 58 -24.99 -3.37 -39.45
CA HIS B 58 -26.29 -3.16 -40.06
C HIS B 58 -26.95 -1.86 -39.70
N GLY B 59 -28.05 -1.59 -40.33
CA GLY B 59 -28.81 -0.40 -40.02
C GLY B 59 -29.00 0.67 -41.03
N GLN B 60 -29.91 1.54 -40.71
CA GLN B 60 -30.22 2.66 -41.55
C GLN B 60 -29.11 3.70 -41.63
N LYS B 61 -28.53 4.09 -40.49
CA LYS B 61 -27.41 5.03 -40.50
C LYS B 61 -26.21 4.60 -41.34
N VAL B 62 -25.80 3.32 -41.24
CA VAL B 62 -24.66 2.79 -42.02
C VAL B 62 -25.03 2.78 -43.51
N ALA B 63 -26.22 2.27 -43.83
CA ALA B 63 -26.73 2.21 -45.20
C ALA B 63 -26.78 3.58 -45.88
N GLU B 64 -27.27 4.59 -45.15
CA GLU B 64 -27.30 5.98 -45.64
C GLU B 64 -25.90 6.59 -45.79
N ALA B 65 -24.97 6.22 -44.92
CA ALA B 65 -23.55 6.61 -45.06
C ALA B 65 -22.89 5.98 -46.28
N ALA B 66 -23.29 4.75 -46.59
CA ALA B 66 -22.84 4.09 -47.82
C ALA B 66 -23.42 4.74 -49.08
N LYS B 67 -24.69 5.14 -49.02
CA LYS B 67 -25.35 5.85 -50.12
C LYS B 67 -24.66 7.19 -50.42
N GLN B 68 -24.37 7.97 -49.36
CA GLN B 68 -23.60 9.22 -49.48
C GLN B 68 -22.25 9.04 -50.17
N LYS B 69 -21.51 8.00 -49.77
CA LYS B 69 -20.21 7.68 -50.39
C LYS B 69 -20.32 7.00 -51.76
N GLN B 70 -21.54 6.65 -52.18
CA GLN B 70 -21.82 6.04 -53.50
C GLN B 70 -21.06 4.72 -53.74
N VAL B 71 -21.09 3.87 -52.72
CA VAL B 71 -20.62 2.48 -52.73
C VAL B 71 -21.71 1.63 -52.08
N SER B 72 -21.75 0.33 -52.39
CA SER B 72 -22.73 -0.56 -51.75
C SER B 72 -22.48 -0.67 -50.23
N PRO B 73 -23.52 -0.93 -49.43
CA PRO B 73 -23.33 -1.17 -48.00
C PRO B 73 -22.29 -2.27 -47.68
N TYR B 74 -22.25 -3.36 -48.46
CA TYR B 74 -21.27 -4.41 -48.23
C TYR B 74 -19.80 -3.95 -48.44
N ASP B 75 -19.53 -3.12 -49.42
CA ASP B 75 -18.19 -2.53 -49.62
C ASP B 75 -17.82 -1.56 -48.51
N PHE B 76 -18.75 -0.66 -48.18
CA PHE B 76 -18.55 0.35 -47.13
C PHE B 76 -18.22 -0.28 -45.77
N THR B 77 -19.01 -1.28 -45.38
CA THR B 77 -18.79 -1.97 -44.12
C THR B 77 -17.48 -2.76 -44.15
N THR B 78 -17.15 -3.41 -45.27
CA THR B 78 -15.87 -4.13 -45.40
C THR B 78 -14.67 -3.18 -45.28
N ALA B 79 -14.78 -1.98 -45.87
CA ALA B 79 -13.75 -0.96 -45.80
C ALA B 79 -13.53 -0.50 -44.35
N VAL B 80 -14.62 -0.06 -43.70
CA VAL B 80 -14.51 0.52 -42.36
C VAL B 80 -14.14 -0.55 -41.33
N ALA B 81 -14.73 -1.73 -41.45
CA ALA B 81 -14.26 -2.89 -40.67
C ALA B 81 -12.74 -3.08 -40.80
N GLY B 82 -12.24 -2.95 -42.03
CA GLY B 82 -10.81 -2.97 -42.30
C GLY B 82 -10.01 -1.91 -41.57
N GLU B 83 -10.52 -0.69 -41.53
CA GLU B 83 -9.90 0.41 -40.77
C GLU B 83 -9.80 0.09 -39.29
N PHE B 84 -10.88 -0.47 -38.72
CA PHE B 84 -10.90 -0.93 -37.34
C PHE B 84 -9.85 -2.03 -37.11
N LYS B 85 -9.81 -3.02 -37.99
CA LYS B 85 -8.81 -4.09 -37.90
C LYS B 85 -7.38 -3.56 -37.90
N LYS B 86 -7.11 -2.60 -38.79
CA LYS B 86 -5.80 -1.96 -38.88
C LYS B 86 -5.45 -1.17 -37.61
N CYS B 87 -6.41 -0.43 -37.06
CA CYS B 87 -6.21 0.36 -35.82
C CYS B 87 -5.78 -0.52 -34.65
N PHE B 88 -6.44 -1.68 -34.51
CA PHE B 88 -6.15 -2.59 -33.41
C PHE B 88 -4.84 -3.35 -33.62
N GLU B 89 -4.43 -3.60 -34.86
CA GLU B 89 -3.06 -4.09 -35.13
C GLU B 89 -2.04 -3.01 -34.79
N GLN B 90 -2.30 -1.77 -35.22
CA GLN B 90 -1.40 -0.65 -34.93
C GLN B 90 -1.16 -0.51 -33.43
N MET B 91 -2.26 -0.65 -32.70
CA MET B 91 -2.27 -0.49 -31.25
C MET B 91 -1.66 -1.66 -30.47
N ASP B 92 -1.36 -2.76 -31.16
CA ASP B 92 -0.60 -3.87 -30.61
C ASP B 92 -1.38 -4.64 -29.55
N TYR B 93 -2.66 -4.88 -29.84
CA TYR B 93 -3.53 -5.70 -29.00
C TYR B 93 -3.29 -7.17 -29.27
N SER B 94 -3.92 -8.02 -28.47
CA SER B 94 -3.82 -9.46 -28.62
C SER B 94 -5.23 -10.03 -28.48
N ILE B 95 -6.12 -9.53 -29.31
CA ILE B 95 -7.51 -9.98 -29.37
C ILE B 95 -7.59 -11.27 -30.20
N ASP B 96 -8.29 -12.28 -29.69
CA ASP B 96 -8.29 -13.58 -30.32
C ASP B 96 -9.10 -13.62 -31.61
N TYR B 97 -10.20 -12.86 -31.68
CA TYR B 97 -11.04 -12.89 -32.86
C TYR B 97 -11.82 -11.58 -33.06
N PHE B 98 -11.97 -11.18 -34.33
CA PHE B 98 -12.66 -9.93 -34.72
C PHE B 98 -13.97 -10.29 -35.44
N ILE B 99 -15.10 -10.17 -34.75
CA ILE B 99 -16.39 -10.57 -35.31
C ILE B 99 -17.05 -9.43 -36.06
N ARG B 100 -17.75 -9.77 -37.13
CA ARG B 100 -18.49 -8.79 -37.94
C ARG B 100 -19.92 -9.29 -38.04
N THR B 101 -20.90 -8.40 -37.87
CA THR B 101 -22.30 -8.85 -37.84
C THR B 101 -22.85 -9.23 -39.24
N THR B 102 -22.15 -8.82 -40.28
CA THR B 102 -22.43 -9.28 -41.66
C THR B 102 -22.09 -10.75 -41.87
N ASN B 103 -21.26 -11.31 -40.99
CA ASN B 103 -20.86 -12.70 -41.07
C ASN B 103 -22.07 -13.64 -41.13
N GLU B 104 -21.94 -14.66 -41.98
CA GLU B 104 -23.04 -15.58 -42.25
C GLU B 104 -23.37 -16.47 -41.03
N GLN B 105 -22.34 -16.93 -40.32
CA GLN B 105 -22.50 -17.73 -39.10
C GLN B 105 -23.16 -16.89 -37.98
N HIS B 106 -22.83 -15.60 -37.91
CA HIS B 106 -23.50 -14.71 -36.96
C HIS B 106 -24.98 -14.62 -37.23
N LYS B 107 -25.34 -14.44 -38.51
CA LYS B 107 -26.74 -14.36 -38.91
C LYS B 107 -27.52 -15.60 -38.49
N ALA B 108 -26.89 -16.77 -38.66
CA ALA B 108 -27.46 -18.06 -38.23
C ALA B 108 -27.82 -18.09 -36.74
N VAL B 109 -26.91 -17.56 -35.92
CA VAL B 109 -27.07 -17.55 -34.46
C VAL B 109 -28.18 -16.57 -34.08
N VAL B 110 -28.26 -15.45 -34.78
CA VAL B 110 -29.32 -14.47 -34.54
C VAL B 110 -30.69 -15.10 -34.83
N LYS B 111 -30.80 -15.82 -35.94
CA LYS B 111 -32.02 -16.55 -36.29
C LYS B 111 -32.38 -17.62 -35.27
N GLU B 112 -31.37 -18.38 -34.84
CA GLU B 112 -31.56 -19.40 -33.80
C GLU B 112 -32.11 -18.82 -32.52
N LEU B 113 -31.49 -17.74 -32.07
CA LEU B 113 -31.89 -17.08 -30.84
C LEU B 113 -33.26 -16.41 -30.99
N TRP B 114 -33.50 -15.72 -32.12
CA TRP B 114 -34.81 -15.13 -32.38
C TRP B 114 -35.90 -16.20 -32.27
N THR B 115 -35.69 -17.31 -32.97
CA THR B 115 -36.64 -18.41 -33.03
C THR B 115 -36.94 -18.96 -31.65
N LYS B 116 -35.89 -19.15 -30.85
CA LYS B 116 -36.02 -19.62 -29.47
C LYS B 116 -36.93 -18.70 -28.66
N LEU B 117 -36.68 -17.40 -28.73
CA LEU B 117 -37.51 -16.39 -28.05
C LEU B 117 -38.97 -16.39 -28.50
N GLU B 118 -39.19 -16.59 -29.81
CA GLU B 118 -40.54 -16.63 -30.40
C GLU B 118 -41.28 -17.87 -29.89
N GLN B 119 -40.63 -19.03 -30.01
CA GLN B 119 -41.17 -20.32 -29.51
C GLN B 119 -41.56 -20.28 -28.04
N LYS B 120 -40.76 -19.59 -27.22
CA LYS B 120 -41.03 -19.41 -25.77
C LYS B 120 -42.24 -18.50 -25.44
N GLY B 121 -42.83 -17.87 -26.46
CA GLY B 121 -43.90 -16.92 -26.28
C GLY B 121 -43.45 -15.52 -25.91
N ASP B 122 -42.15 -15.24 -26.00
CA ASP B 122 -41.56 -13.97 -25.54
C ASP B 122 -41.36 -12.92 -26.64
N ILE B 123 -41.55 -13.28 -27.91
CA ILE B 123 -41.69 -12.29 -28.96
C ILE B 123 -43.03 -12.54 -29.56
N TYR B 124 -43.81 -11.46 -29.71
CA TYR B 124 -45.07 -11.57 -30.41
C TYR B 124 -45.18 -10.53 -31.51
N LEU B 125 -45.99 -10.86 -32.51
CA LEU B 125 -46.30 -9.95 -33.60
C LEU B 125 -47.49 -9.08 -33.20
N GLY B 126 -47.30 -7.76 -33.27
CA GLY B 126 -48.35 -6.80 -32.92
C GLY B 126 -48.52 -5.72 -33.96
N ARG B 127 -49.73 -5.17 -34.10
CA ARG B 127 -49.94 -3.95 -34.87
C ARG B 127 -49.71 -2.71 -33.97
N TYR B 128 -48.73 -1.88 -34.31
CA TYR B 128 -48.48 -0.61 -33.61
C TYR B 128 -49.11 0.48 -34.46
N GLU B 129 -49.89 1.33 -33.81
CA GLU B 129 -50.57 2.46 -34.45
C GLU B 129 -50.27 3.70 -33.63
N GLY B 130 -49.44 4.58 -34.16
CA GLY B 130 -49.05 5.77 -33.41
C GLY B 130 -48.09 6.66 -34.15
N TRP B 131 -47.50 7.58 -33.40
CA TRP B 131 -46.51 8.50 -33.97
C TRP B 131 -45.12 7.86 -34.00
N TYR B 132 -44.32 8.29 -34.99
CA TYR B 132 -42.97 7.76 -35.22
C TYR B 132 -42.11 8.84 -35.82
N SER B 133 -40.91 8.95 -35.26
CA SER B 133 -39.90 9.87 -35.71
C SER B 133 -39.04 8.98 -36.55
N ILE B 134 -39.04 9.22 -37.84
CA ILE B 134 -38.24 8.43 -38.73
C ILE B 134 -36.76 8.66 -38.50
N SER B 135 -36.37 9.92 -38.34
CA SER B 135 -34.96 10.25 -38.11
C SER B 135 -34.48 9.68 -36.80
N ASP B 136 -35.27 9.84 -35.76
CA ASP B 136 -34.83 9.20 -34.50
C ASP B 136 -35.04 7.69 -34.51
N GLU B 137 -35.76 7.18 -35.52
CA GLU B 137 -36.17 5.79 -35.69
C GLU B 137 -36.78 5.22 -34.41
N PHE B 139 -40.35 4.74 -30.78
CA PHE B 139 -41.62 5.31 -31.20
C PHE B 139 -42.01 6.36 -30.16
N LEU B 140 -43.06 7.12 -30.44
CA LEU B 140 -43.45 8.18 -29.52
C LEU B 140 -44.92 8.22 -29.20
N THR B 141 -45.27 8.74 -28.03
CA THR B 141 -46.67 8.89 -27.62
C THR B 141 -47.26 10.26 -27.92
N PRO B 142 -48.55 10.42 -27.78
CA PRO B 142 -49.16 11.71 -28.06
C PRO B 142 -48.51 12.71 -27.13
N GLN B 143 -47.97 12.18 -26.04
CA GLN B 143 -47.34 12.99 -25.01
C GLN B 143 -46.20 13.80 -25.61
N ASN B 144 -45.63 13.30 -26.70
CA ASN B 144 -44.48 13.96 -27.33
C ASN B 144 -44.69 14.57 -28.72
N LYS B 157 -45.99 19.58 -36.08
CA LYS B 157 -46.19 18.27 -35.49
C LYS B 157 -44.89 17.50 -35.54
N VAL B 158 -43.98 17.79 -34.62
CA VAL B 158 -42.69 17.12 -34.61
C VAL B 158 -42.33 16.63 -33.22
N SER B 159 -41.37 15.72 -33.14
CA SER B 159 -40.98 15.14 -31.87
C SER B 159 -40.63 16.23 -30.93
N LEU B 160 -41.20 16.17 -29.74
CA LEU B 160 -40.97 17.17 -28.74
C LEU B 160 -39.53 17.16 -28.32
N GLU B 161 -38.99 15.95 -28.13
CA GLU B 161 -37.61 15.80 -27.74
C GLU B 161 -36.54 16.14 -28.75
N SER B 162 -36.75 15.76 -30.00
CA SER B 162 -35.73 16.02 -31.04
C SER B 162 -36.05 17.20 -31.97
N GLY B 163 -37.33 17.53 -32.16
CA GLY B 163 -37.76 18.58 -33.09
C GLY B 163 -37.92 18.11 -34.52
N HIS B 164 -37.72 16.79 -34.70
CA HIS B 164 -37.89 16.04 -35.95
C HIS B 164 -39.36 15.76 -36.21
N VAL B 165 -39.81 15.92 -37.44
CA VAL B 165 -41.21 15.71 -37.83
C VAL B 165 -41.65 14.27 -37.62
N VAL B 166 -42.85 14.08 -37.07
CA VAL B 166 -43.35 12.73 -36.80
C VAL B 166 -44.61 12.43 -37.56
N THR B 167 -44.63 11.24 -38.12
CA THR B 167 -45.68 10.77 -39.03
C THR B 167 -46.44 9.66 -38.32
N TRP B 168 -47.72 9.55 -38.64
CA TRP B 168 -48.55 8.48 -38.09
C TRP B 168 -48.27 7.20 -38.88
N VAL B 169 -48.08 6.10 -38.15
CA VAL B 169 -47.78 4.79 -38.75
C VAL B 169 -48.77 3.72 -38.28
N SER B 170 -49.13 2.81 -39.19
CA SER B 170 -49.89 1.63 -38.83
C SER B 170 -49.10 0.44 -39.40
N GLU B 171 -48.24 -0.14 -38.57
CA GLU B 171 -47.29 -1.18 -38.99
C GLU B 171 -47.30 -2.37 -38.05
N GLU B 172 -47.13 -3.56 -38.62
CA GLU B 172 -46.87 -4.76 -37.81
C GLU B 172 -45.44 -4.71 -37.32
N ASN B 173 -45.27 -4.92 -36.02
CA ASN B 173 -43.99 -4.87 -35.37
C ASN B 173 -43.84 -6.02 -34.39
N TYR B 174 -42.65 -6.65 -34.36
CA TYR B 174 -42.35 -7.63 -33.32
C TYR B 174 -41.83 -6.99 -32.01
N MET B 175 -42.41 -7.42 -30.89
CA MET B 175 -42.13 -6.89 -29.55
C MET B 175 -41.63 -8.03 -28.67
N PHE B 176 -40.50 -7.80 -28.00
CA PHE B 176 -40.02 -8.68 -26.91
C PHE B 176 -40.65 -8.28 -25.58
N ARG B 177 -41.13 -9.27 -24.82
CA ARG B 177 -41.90 -9.06 -23.57
C ARG B 177 -40.98 -8.76 -22.37
N LEU B 178 -40.25 -7.66 -22.47
CA LEU B 178 -39.24 -7.33 -21.49
C LEU B 178 -39.83 -7.09 -20.09
N SER B 179 -41.03 -6.52 -20.05
CA SER B 179 -41.78 -6.30 -18.81
C SER B 179 -41.96 -7.59 -17.97
N ALA B 180 -42.09 -8.74 -18.63
CA ALA B 180 -42.20 -10.05 -17.96
C ALA B 180 -40.92 -10.55 -17.25
N PHE B 181 -39.82 -9.80 -17.37
CA PHE B 181 -38.53 -10.18 -16.83
C PHE B 181 -38.04 -9.25 -15.71
N ARG B 182 -38.88 -8.32 -15.27
CA ARG B 182 -38.51 -7.38 -14.21
C ARG B 182 -38.04 -8.10 -12.93
N GLU B 183 -38.85 -9.02 -12.42
CA GLU B 183 -38.54 -9.70 -11.17
C GLU B 183 -37.29 -10.59 -11.28
N ARG B 184 -37.18 -11.37 -12.37
CA ARG B 184 -35.99 -12.23 -12.55
C ARG B 184 -34.68 -11.44 -12.68
N LEU B 185 -34.74 -10.27 -13.32
CA LEU B 185 -33.58 -9.38 -13.41
C LEU B 185 -33.18 -8.81 -12.06
N LEU B 186 -34.16 -8.32 -11.32
CA LEU B 186 -33.93 -7.81 -9.96
C LEU B 186 -33.37 -8.90 -9.05
N GLU B 187 -33.88 -10.12 -9.17
CA GLU B 187 -33.31 -11.28 -8.49
C GLU B 187 -31.86 -11.51 -8.85
N TRP B 188 -31.56 -11.44 -10.15
CA TRP B 188 -30.19 -11.59 -10.64
C TRP B 188 -29.24 -10.52 -10.06
N TYR B 189 -29.65 -9.26 -10.06
CA TYR B 189 -28.82 -8.17 -9.52
C TYR B 189 -28.51 -8.35 -8.03
N HIS B 190 -29.51 -8.77 -7.24
CA HIS B 190 -29.35 -8.93 -5.79
C HIS B 190 -28.58 -10.19 -5.43
N ALA B 191 -28.82 -11.28 -6.14
CA ALA B 191 -28.07 -12.52 -5.95
C ALA B 191 -26.62 -12.43 -6.46
N ASN B 192 -26.27 -11.40 -7.23
CA ASN B 192 -24.94 -11.25 -7.79
C ASN B 192 -24.47 -9.81 -7.68
N PRO B 193 -24.18 -9.36 -6.44
CA PRO B 193 -23.89 -7.94 -6.24
C PRO B 193 -22.64 -7.36 -6.92
N GLY B 194 -21.72 -8.19 -7.40
CA GLY B 194 -20.59 -7.69 -8.19
C GLY B 194 -20.76 -7.78 -9.70
N CYS B 195 -21.95 -8.16 -10.17
CA CYS B 195 -22.17 -8.42 -11.59
C CYS B 195 -22.14 -7.16 -12.48
N ILE B 196 -22.34 -5.97 -11.90
CA ILE B 196 -22.20 -4.72 -12.65
C ILE B 196 -21.23 -3.82 -11.92
N VAL B 197 -20.26 -3.26 -12.63
CA VAL B 197 -19.17 -2.47 -12.05
C VAL B 197 -19.01 -1.22 -12.90
N PRO B 198 -18.71 -0.06 -12.32
CA PRO B 198 -18.61 0.16 -10.89
C PRO B 198 -19.96 0.25 -10.18
N GLU B 199 -19.92 0.18 -8.86
CA GLU B 199 -21.11 0.02 -8.03
C GLU B 199 -22.19 1.08 -8.26
N PHE B 200 -21.83 2.33 -8.50
CA PHE B 200 -22.85 3.38 -8.70
C PHE B 200 -23.68 3.16 -9.98
N ARG B 201 -23.06 2.52 -10.97
CA ARG B 201 -23.75 2.11 -12.19
C ARG B 201 -24.63 0.88 -11.96
N ARG B 202 -24.20 -0.02 -11.07
CA ARG B 202 -25.05 -1.14 -10.67
C ARG B 202 -26.32 -0.62 -10.01
N ARG B 203 -26.19 0.36 -9.12
CA ARG B 203 -27.33 0.97 -8.44
C ARG B 203 -28.27 1.70 -9.42
N GLU B 204 -27.70 2.35 -10.44
CA GLU B 204 -28.48 3.00 -11.50
C GLU B 204 -29.37 2.01 -12.25
N VAL B 205 -28.80 0.89 -12.65
CA VAL B 205 -29.53 -0.15 -13.37
C VAL B 205 -30.68 -0.64 -12.51
N ILE B 206 -30.39 -0.96 -11.24
CA ILE B 206 -31.41 -1.49 -10.33
C ILE B 206 -32.55 -0.50 -10.13
N ARG B 207 -32.24 0.80 -10.00
CA ARG B 207 -33.31 1.79 -9.83
C ARG B 207 -34.23 1.80 -11.04
N ALA B 208 -33.63 1.80 -12.23
CA ALA B 208 -34.36 1.76 -13.50
C ALA B 208 -35.29 0.56 -13.58
N VAL B 209 -34.78 -0.63 -13.28
CA VAL B 209 -35.60 -1.85 -13.40
C VAL B 209 -36.67 -1.92 -12.32
N GLU B 210 -36.36 -1.40 -11.12
CA GLU B 210 -37.37 -1.27 -10.06
C GLU B 210 -38.55 -0.38 -10.47
N LYS B 211 -38.28 0.72 -11.17
CA LYS B 211 -39.33 1.63 -11.67
C LYS B 211 -40.32 0.98 -12.64
N GLY B 212 -39.88 -0.02 -13.39
CA GLY B 212 -40.75 -0.78 -14.30
C GLY B 212 -40.11 -0.82 -15.66
N LEU B 213 -40.45 -1.85 -16.44
CA LEU B 213 -39.88 -2.04 -17.78
C LEU B 213 -41.00 -2.13 -18.81
N PRO B 214 -40.92 -1.33 -19.89
CA PRO B 214 -41.82 -1.57 -21.03
C PRO B 214 -41.38 -2.79 -21.84
N ASP B 215 -42.23 -3.25 -22.75
CA ASP B 215 -41.81 -4.23 -23.75
C ASP B 215 -40.93 -3.56 -24.81
N LEU B 216 -40.06 -4.34 -25.44
CA LEU B 216 -39.02 -3.80 -26.32
C LEU B 216 -39.25 -4.20 -27.77
N SER B 217 -39.27 -3.20 -28.64
CA SER B 217 -39.40 -3.43 -30.07
C SER B 217 -38.12 -4.07 -30.60
N VAL B 218 -38.25 -5.25 -31.19
CA VAL B 218 -37.12 -5.99 -31.72
C VAL B 218 -37.08 -6.12 -33.25
N SER B 219 -38.09 -5.61 -33.95
CA SER B 219 -38.05 -5.55 -35.43
C SER B 219 -38.35 -4.16 -35.96
N ARG B 220 -38.01 -3.95 -37.22
CA ARG B 220 -38.39 -2.76 -37.97
C ARG B 220 -38.78 -3.17 -39.39
N ALA B 221 -39.68 -2.42 -40.01
CA ALA B 221 -40.07 -2.64 -41.41
C ALA B 221 -38.86 -2.47 -42.34
N ARG B 222 -38.73 -3.34 -43.33
CA ARG B 222 -37.50 -3.43 -44.17
C ARG B 222 -37.18 -2.16 -44.98
N ALA B 223 -38.20 -1.40 -45.36
CA ALA B 223 -38.00 -0.13 -46.07
C ALA B 223 -37.21 0.84 -45.20
N THR B 224 -37.60 0.96 -43.93
CA THR B 224 -36.96 1.85 -42.94
C THR B 224 -35.45 1.62 -42.76
N LEU B 225 -35.00 0.38 -42.95
CA LEU B 225 -33.59 0.02 -42.80
C LEU B 225 -32.81 -0.05 -44.13
N HIS B 226 -33.43 0.41 -45.22
CA HIS B 226 -32.85 0.33 -46.58
C HIS B 226 -32.37 -1.09 -46.90
N ASN B 227 -33.15 -2.06 -46.43
CA ASN B 227 -32.85 -3.47 -46.57
C ASN B 227 -31.45 -3.91 -46.13
N TRP B 228 -30.89 -3.25 -45.13
CA TRP B 228 -29.54 -3.53 -44.67
C TRP B 228 -29.57 -4.02 -43.22
N ALA B 229 -29.99 -5.26 -43.07
CA ALA B 229 -30.21 -5.88 -41.76
C ALA B 229 -30.53 -7.35 -41.95
N ILE B 230 -30.66 -8.07 -40.85
CA ILE B 230 -30.97 -9.50 -40.89
C ILE B 230 -32.49 -9.64 -40.96
N PRO B 231 -33.01 -10.44 -41.92
CA PRO B 231 -34.47 -10.62 -41.93
C PRO B 231 -34.99 -11.46 -40.78
N VAL B 232 -36.16 -11.09 -40.27
CA VAL B 232 -36.86 -11.86 -39.26
C VAL B 232 -37.19 -13.24 -39.84
N PRO B 233 -36.84 -14.34 -39.11
CA PRO B 233 -37.20 -15.69 -39.57
C PRO B 233 -38.68 -15.85 -39.83
N GLY B 234 -39.01 -16.39 -41.01
CA GLY B 234 -40.39 -16.58 -41.41
C GLY B 234 -41.17 -15.32 -41.74
N ASN B 235 -40.49 -14.18 -41.91
CA ASN B 235 -41.15 -12.93 -42.26
C ASN B 235 -40.17 -11.91 -42.88
N PRO B 236 -39.91 -12.04 -44.19
CA PRO B 236 -38.93 -11.16 -44.84
C PRO B 236 -39.34 -9.69 -45.01
N ASP B 237 -40.56 -9.30 -44.67
CA ASP B 237 -40.94 -7.88 -44.64
C ASP B 237 -40.34 -7.12 -43.47
N HIS B 238 -39.91 -7.84 -42.43
CA HIS B 238 -39.32 -7.25 -41.22
C HIS B 238 -37.89 -7.63 -41.05
N CYS B 239 -37.14 -6.71 -40.45
CA CYS B 239 -35.74 -6.88 -40.17
C CYS B 239 -35.53 -6.91 -38.64
N VAL B 240 -34.52 -7.65 -38.22
CA VAL B 240 -34.16 -7.76 -36.81
C VAL B 240 -33.46 -6.48 -36.41
N TYR B 241 -33.92 -5.83 -35.37
CA TYR B 241 -33.33 -4.57 -35.03
C TYR B 241 -32.01 -4.60 -34.28
N VAL B 242 -31.66 -3.51 -33.64
CA VAL B 242 -30.39 -3.40 -33.01
C VAL B 242 -30.03 -4.45 -32.00
N TRP B 243 -30.94 -4.71 -31.11
CA TRP B 243 -30.73 -5.57 -29.97
C TRP B 243 -30.44 -7.02 -30.17
N LEU B 244 -31.27 -7.68 -30.91
CA LEU B 244 -31.03 -9.10 -31.16
C LEU B 244 -29.92 -9.36 -32.17
N ASP B 245 -29.61 -8.41 -33.04
CA ASP B 245 -28.43 -8.54 -33.86
C ASP B 245 -27.11 -8.31 -33.11
N ALA B 246 -26.88 -7.07 -32.67
CA ALA B 246 -25.57 -6.67 -32.13
C ALA B 246 -25.17 -7.44 -30.88
N LEU B 247 -26.05 -7.46 -29.87
CA LEU B 247 -25.76 -8.15 -28.62
C LEU B 247 -25.44 -9.62 -28.85
N THR B 248 -26.08 -10.22 -29.83
CA THR B 248 -25.90 -11.64 -30.10
C THR B 248 -24.47 -12.03 -30.56
N ASN B 249 -23.66 -11.04 -30.96
CA ASN B 249 -22.27 -11.29 -31.35
C ASN B 249 -21.51 -12.06 -30.28
N TYR B 250 -21.83 -11.79 -29.01
CA TYR B 250 -21.17 -12.47 -27.91
C TYR B 250 -21.46 -13.97 -27.92
N LEU B 251 -22.72 -14.33 -28.14
CA LEU B 251 -23.09 -15.74 -28.29
C LEU B 251 -22.41 -16.36 -29.52
N THR B 252 -22.47 -15.68 -30.65
CA THR B 252 -21.82 -16.16 -31.86
C THR B 252 -20.35 -16.43 -31.63
N GLY B 253 -19.66 -15.44 -31.07
CA GLY B 253 -18.22 -15.52 -30.85
C GLY B 253 -17.84 -16.70 -29.99
N SER B 254 -18.69 -17.01 -29.01
CA SER B 254 -18.45 -18.13 -28.12
C SER B 254 -18.58 -19.49 -28.80
N ARG B 255 -19.16 -19.51 -30.01
CA ARG B 255 -19.38 -20.74 -30.78
C ARG B 255 -18.48 -20.91 -32.03
N LEU B 256 -17.61 -19.95 -32.32
CA LEU B 256 -16.77 -20.00 -33.52
C LEU B 256 -15.43 -20.63 -33.20
N ARG B 257 -15.07 -21.66 -33.97
CA ARG B 257 -13.68 -22.15 -34.03
C ARG B 257 -12.85 -21.27 -34.96
N VAL B 258 -11.65 -20.93 -34.52
CA VAL B 258 -10.81 -19.98 -35.23
C VAL B 258 -9.45 -20.62 -35.51
N ASP B 259 -8.97 -20.54 -36.76
CA ASP B 259 -7.64 -21.09 -37.14
C ASP B 259 -6.49 -20.17 -36.67
N GLU B 260 -5.24 -20.62 -36.87
CA GLU B 260 -4.04 -19.86 -36.44
C GLU B 260 -3.88 -18.46 -37.10
N SER B 261 -4.51 -18.23 -38.25
CA SER B 261 -4.51 -16.90 -38.91
C SER B 261 -5.67 -15.97 -38.51
N GLY B 262 -6.54 -16.42 -37.60
CA GLY B 262 -7.67 -15.59 -37.08
C GLY B 262 -8.99 -15.59 -37.85
N LYS B 263 -9.10 -16.41 -38.90
CA LYS B 263 -10.36 -16.56 -39.65
C LYS B 263 -11.29 -17.60 -39.00
N GLU B 264 -12.58 -17.29 -38.95
CA GLU B 264 -13.63 -18.22 -38.49
C GLU B 264 -13.78 -19.40 -39.44
N VAL B 265 -13.70 -20.61 -38.91
CA VAL B 265 -13.74 -21.83 -39.72
C VAL B 265 -14.99 -22.70 -39.53
N SER B 266 -15.65 -22.59 -38.38
CA SER B 266 -16.71 -23.53 -38.03
C SER B 266 -17.55 -22.96 -36.90
N LEU B 267 -18.86 -23.06 -37.03
CA LEU B 267 -19.80 -22.63 -35.98
C LEU B 267 -20.35 -23.88 -35.31
N VAL B 268 -20.01 -24.10 -34.05
CA VAL B 268 -20.51 -25.28 -33.33
C VAL B 268 -21.97 -25.10 -32.91
N ASP B 269 -22.67 -26.22 -32.79
CA ASP B 269 -24.09 -26.23 -32.38
C ASP B 269 -24.31 -25.85 -30.94
N ASP B 270 -23.47 -26.37 -30.05
CA ASP B 270 -23.59 -26.20 -28.61
C ASP B 270 -22.46 -25.31 -28.08
N PHE B 271 -22.79 -24.25 -27.35
CA PHE B 271 -21.79 -23.33 -26.80
C PHE B 271 -20.83 -24.04 -25.85
N ASN B 272 -21.31 -25.02 -25.09
CA ASN B 272 -20.47 -25.75 -24.14
C ASN B 272 -19.25 -26.44 -24.76
N GLU B 273 -19.33 -26.76 -26.05
CA GLU B 273 -18.20 -27.38 -26.75
C GLU B 273 -16.92 -26.53 -26.65
N LEU B 274 -17.04 -25.20 -26.71
CA LEU B 274 -15.88 -24.31 -26.67
C LEU B 274 -15.60 -23.67 -25.30
N GLU B 275 -16.48 -23.90 -24.32
CA GLU B 275 -16.25 -23.50 -22.91
C GLU B 275 -16.08 -21.98 -22.69
N ARG B 276 -16.67 -21.16 -23.55
CA ARG B 276 -16.52 -19.69 -23.50
C ARG B 276 -17.75 -19.01 -22.93
N PHE B 277 -18.93 -19.38 -23.41
CA PHE B 277 -20.17 -18.76 -22.95
C PHE B 277 -20.54 -19.22 -21.55
N PRO B 278 -21.02 -18.34 -20.68
CA PRO B 278 -21.21 -16.90 -20.92
C PRO B 278 -19.95 -16.12 -20.65
N ALA B 279 -19.96 -14.84 -21.03
CA ALA B 279 -18.82 -13.97 -20.81
C ALA B 279 -18.52 -13.83 -19.35
N ASP B 280 -17.23 -13.90 -19.02
CA ASP B 280 -16.77 -13.63 -17.66
C ASP B 280 -16.73 -12.13 -17.44
N VAL B 281 -16.27 -11.38 -18.44
CA VAL B 281 -16.35 -9.92 -18.41
C VAL B 281 -16.84 -9.33 -19.74
N HIS B 282 -17.83 -8.46 -19.65
CA HIS B 282 -18.25 -7.62 -20.75
C HIS B 282 -17.75 -6.21 -20.49
N VAL B 283 -16.78 -5.75 -21.30
CA VAL B 283 -16.31 -4.37 -21.22
C VAL B 283 -17.19 -3.51 -22.14
N ILE B 284 -17.79 -2.46 -21.58
CA ILE B 284 -18.61 -1.50 -22.35
C ILE B 284 -18.41 -0.07 -21.85
N GLY B 285 -18.75 0.89 -22.71
CA GLY B 285 -18.86 2.29 -22.28
C GLY B 285 -20.18 2.49 -21.55
N LYS B 286 -20.27 3.56 -20.76
CA LYS B 286 -21.51 3.86 -19.98
C LYS B 286 -22.74 4.09 -20.88
N ASP B 287 -22.50 4.54 -22.10
CA ASP B 287 -23.53 4.76 -23.13
C ASP B 287 -24.43 3.55 -23.47
N ILE B 288 -23.95 2.32 -23.27
CA ILE B 288 -24.71 1.13 -23.68
C ILE B 288 -25.03 0.19 -22.52
N LEU B 289 -25.13 0.75 -21.32
CA LEU B 289 -25.31 -0.02 -20.10
C LEU B 289 -26.65 -0.73 -20.05
N LYS B 290 -27.70 -0.03 -20.46
CA LYS B 290 -29.05 -0.57 -20.30
C LYS B 290 -29.23 -1.78 -21.22
N PHE B 291 -28.59 -1.73 -22.38
CA PHE B 291 -28.66 -2.79 -23.40
C PHE B 291 -27.99 -4.06 -22.90
N HIS B 292 -26.86 -3.90 -22.21
CA HIS B 292 -26.08 -5.02 -21.67
C HIS B 292 -26.56 -5.55 -20.32
N ALA B 293 -27.13 -4.67 -19.49
CA ALA B 293 -27.53 -5.04 -18.13
C ALA B 293 -29.02 -5.34 -17.99
N ILE B 294 -29.83 -4.90 -18.94
CA ILE B 294 -31.28 -5.14 -18.91
C ILE B 294 -31.68 -6.05 -20.08
N TYR B 295 -31.48 -5.58 -21.32
CA TYR B 295 -32.01 -6.30 -22.49
C TYR B 295 -31.34 -7.65 -22.68
N TRP B 296 -30.00 -7.62 -22.67
CA TRP B 296 -29.15 -8.79 -22.91
C TRP B 296 -29.44 -9.94 -21.94
N PRO B 297 -29.39 -9.70 -20.61
CA PRO B 297 -29.76 -10.82 -19.71
C PRO B 297 -31.21 -11.29 -19.82
N ALA B 298 -32.13 -10.40 -20.21
CA ALA B 298 -33.53 -10.75 -20.42
C ALA B 298 -33.67 -11.74 -21.58
N PHE B 299 -32.98 -11.46 -22.69
CA PHE B 299 -32.94 -12.38 -23.83
C PHE B 299 -32.37 -13.74 -23.42
N LEU B 300 -31.33 -13.73 -22.60
CA LEU B 300 -30.66 -14.95 -22.17
C LEU B 300 -31.55 -15.75 -21.21
N LEU B 301 -32.22 -15.05 -20.31
CA LEU B 301 -33.23 -15.68 -19.45
C LEU B 301 -34.37 -16.37 -20.25
N SER B 302 -34.91 -15.66 -21.25
CA SER B 302 -35.92 -16.21 -22.14
C SER B 302 -35.41 -17.47 -22.80
N ALA B 303 -34.23 -17.40 -23.37
CA ALA B 303 -33.66 -18.52 -24.13
C ALA B 303 -33.15 -19.70 -23.28
N GLY B 304 -33.16 -19.55 -21.95
CA GLY B 304 -32.60 -20.54 -21.05
C GLY B 304 -31.09 -20.62 -21.14
N LEU B 305 -30.44 -19.48 -21.40
CA LEU B 305 -28.97 -19.43 -21.57
C LEU B 305 -28.34 -18.81 -20.32
N PRO B 306 -27.08 -19.18 -20.00
CA PRO B 306 -26.42 -18.64 -18.80
C PRO B 306 -26.07 -17.17 -18.96
N LEU B 307 -26.10 -16.45 -17.83
CA LEU B 307 -25.91 -14.99 -17.84
C LEU B 307 -24.45 -14.67 -17.59
N PRO B 308 -23.98 -13.52 -18.10
CA PRO B 308 -22.59 -13.16 -17.91
C PRO B 308 -22.27 -12.95 -16.43
N LYS B 309 -20.99 -13.06 -16.06
CA LYS B 309 -20.56 -12.91 -14.68
C LYS B 309 -20.45 -11.46 -14.27
N LYS B 310 -19.82 -10.66 -15.10
CA LYS B 310 -19.59 -9.24 -14.85
C LYS B 310 -19.80 -8.42 -16.10
N ILE B 311 -20.40 -7.24 -15.94
CA ILE B 311 -20.39 -6.18 -16.93
C ILE B 311 -19.63 -5.02 -16.30
N VAL B 312 -18.58 -4.54 -16.96
CA VAL B 312 -17.83 -3.37 -16.48
C VAL B 312 -18.06 -2.20 -17.44
N ALA B 313 -18.56 -1.09 -16.91
CA ALA B 313 -18.92 0.09 -17.71
C ALA B 313 -18.03 1.27 -17.36
N HIS B 314 -17.28 1.76 -18.34
CA HIS B 314 -16.31 2.85 -18.13
C HIS B 314 -16.85 4.20 -18.60
N GLY B 315 -16.14 5.29 -18.29
CA GLY B 315 -16.59 6.64 -18.69
C GLY B 315 -16.11 7.04 -20.09
N TRP B 316 -16.47 8.27 -20.54
CA TRP B 316 -15.91 8.89 -21.77
C TRP B 316 -14.66 9.73 -21.49
N TRP B 317 -13.80 9.89 -22.50
CA TRP B 317 -12.63 10.80 -22.38
C TRP B 317 -12.85 12.21 -22.91
N THR B 318 -12.23 13.19 -22.24
CA THR B 318 -12.00 14.56 -22.73
C THR B 318 -10.50 14.75 -23.06
N LYS B 319 -10.16 15.86 -23.71
CA LYS B 319 -8.76 16.27 -23.93
C LYS B 319 -8.60 17.77 -23.72
N ASP B 320 -7.64 18.15 -22.86
CA ASP B 320 -7.42 19.54 -22.46
C ASP B 320 -8.72 20.15 -21.88
N ARG B 321 -9.38 19.34 -21.05
CA ARG B 321 -10.65 19.66 -20.37
C ARG B 321 -11.84 20.02 -21.28
N LYS B 322 -11.74 19.74 -22.57
CA LYS B 322 -12.76 20.06 -23.58
C LYS B 322 -13.18 18.80 -24.33
N LYS B 323 -14.39 18.82 -24.91
CA LYS B 323 -14.92 17.69 -25.68
C LYS B 323 -13.99 17.36 -26.86
N ILE B 324 -13.78 16.06 -27.11
CA ILE B 324 -12.96 15.60 -28.21
C ILE B 324 -13.81 15.55 -29.47
N SER B 325 -13.63 16.56 -30.33
CA SER B 325 -14.26 16.61 -31.64
C SER B 325 -13.25 17.15 -32.67
N LYS B 326 -13.36 16.65 -33.91
CA LYS B 326 -12.48 17.09 -35.00
C LYS B 326 -12.90 18.49 -35.50
N SER B 327 -14.19 18.65 -35.76
CA SER B 327 -14.78 19.92 -36.19
C SER B 327 -14.69 21.06 -35.16
N LEU B 328 -14.55 20.75 -33.87
CA LEU B 328 -14.32 21.77 -32.81
C LEU B 328 -12.83 22.14 -32.57
N GLY B 329 -11.91 21.49 -33.28
CA GLY B 329 -10.47 21.77 -33.11
C GLY B 329 -9.94 21.23 -31.79
N ASN B 330 -10.19 19.95 -31.54
CA ASN B 330 -9.66 19.25 -30.36
C ASN B 330 -9.60 17.75 -30.64
N VAL B 331 -8.56 17.35 -31.37
CA VAL B 331 -8.37 15.97 -31.80
C VAL B 331 -7.52 15.24 -30.76
N PHE B 332 -7.80 13.94 -30.57
CA PHE B 332 -6.98 13.05 -29.75
C PHE B 332 -6.78 11.73 -30.46
N ASP B 333 -5.79 11.68 -31.36
CA ASP B 333 -5.46 10.48 -32.11
C ASP B 333 -4.52 9.60 -31.26
N PRO B 334 -4.99 8.41 -30.83
CA PRO B 334 -4.13 7.53 -30.03
C PRO B 334 -2.90 7.02 -30.77
N VAL B 335 -3.03 6.76 -32.07
CA VAL B 335 -1.91 6.25 -32.87
C VAL B 335 -0.82 7.34 -32.96
N GLU B 336 -1.23 8.60 -33.00
CA GLU B 336 -0.29 9.73 -33.05
C GLU B 336 0.46 9.88 -31.73
N LYS B 337 -0.25 9.80 -30.61
CA LYS B 337 0.36 9.92 -29.29
C LYS B 337 1.28 8.76 -28.96
N ALA B 338 0.86 7.56 -29.36
CA ALA B 338 1.69 6.38 -29.20
C ALA B 338 3.03 6.48 -29.93
N GLU B 339 3.04 7.10 -31.11
CA GLU B 339 4.28 7.33 -31.86
C GLU B 339 5.19 8.36 -31.16
N GLU B 340 4.60 9.34 -30.49
CA GLU B 340 5.37 10.36 -29.79
C GLU B 340 5.94 9.90 -28.42
N PHE B 341 5.13 9.16 -27.65
CA PHE B 341 5.48 8.82 -26.26
C PHE B 341 5.77 7.34 -26.01
N GLY B 342 5.44 6.48 -26.97
CA GLY B 342 5.51 5.02 -26.79
C GLY B 342 4.13 4.38 -26.67
N TYR B 343 3.99 3.19 -27.26
CA TYR B 343 2.72 2.45 -27.21
C TYR B 343 2.33 2.00 -25.78
N ASP B 344 3.20 1.22 -25.14
CA ASP B 344 3.00 0.82 -23.73
C ASP B 344 2.73 2.00 -22.79
N ALA B 345 3.46 3.09 -22.99
CA ALA B 345 3.37 4.26 -22.12
C ALA B 345 1.99 4.92 -22.20
N LEU B 346 1.45 5.01 -23.41
CA LEU B 346 0.12 5.54 -23.63
C LEU B 346 -0.93 4.62 -23.00
N LYS B 347 -0.78 3.33 -23.23
CA LYS B 347 -1.69 2.36 -22.63
C LYS B 347 -1.66 2.50 -21.11
N TYR B 348 -0.45 2.55 -20.54
CA TYR B 348 -0.27 2.80 -19.11
C TYR B 348 -1.02 4.06 -18.69
N PHE B 349 -0.86 5.15 -19.42
CA PHE B 349 -1.52 6.40 -19.06
C PHE B 349 -3.04 6.29 -19.01
N LEU B 350 -3.64 5.74 -20.06
CA LEU B 350 -5.10 5.66 -20.15
C LEU B 350 -5.71 4.83 -19.02
N LEU B 351 -5.01 3.76 -18.67
CA LEU B 351 -5.46 2.85 -17.64
C LEU B 351 -5.14 3.39 -16.24
N ARG B 352 -4.05 4.14 -16.10
CA ARG B 352 -3.67 4.70 -14.81
C ARG B 352 -4.40 6.01 -14.49
N GLU B 353 -4.63 6.83 -15.51
CA GLU B 353 -5.12 8.19 -15.28
C GLU B 353 -6.57 8.21 -14.77
N SER B 354 -7.41 7.29 -15.22
CA SER B 354 -8.78 7.29 -14.77
C SER B 354 -9.30 5.91 -14.43
N GLY B 355 -10.09 5.87 -13.38
CA GLY B 355 -10.92 4.73 -13.10
C GLY B 355 -12.14 4.73 -13.98
N PHE B 356 -12.88 3.63 -13.90
CA PHE B 356 -14.02 3.43 -14.76
C PHE B 356 -15.18 4.31 -14.33
N SER B 357 -15.21 4.66 -13.04
CA SER B 357 -16.21 5.56 -12.47
C SER B 357 -16.09 6.99 -13.03
N ASP B 358 -14.87 7.40 -13.40
CA ASP B 358 -14.57 8.76 -13.85
C ASP B 358 -14.57 8.86 -15.39
N ASP B 359 -14.84 10.06 -15.89
CA ASP B 359 -14.45 10.43 -17.24
C ASP B 359 -13.03 10.95 -17.28
N GLY B 360 -12.18 10.25 -18.04
CA GLY B 360 -10.75 10.55 -18.11
C GLY B 360 -10.39 11.86 -18.78
N ASP B 361 -9.34 12.55 -18.28
CA ASP B 361 -8.72 13.71 -18.98
C ASP B 361 -7.27 13.46 -19.39
N TYR B 362 -7.02 13.48 -20.70
CA TYR B 362 -5.65 13.50 -21.22
C TYR B 362 -5.16 14.94 -21.51
N SER B 363 -4.06 15.36 -20.90
CA SER B 363 -3.17 16.41 -21.44
C SER B 363 -1.75 15.88 -21.67
N ASP B 364 -1.02 16.51 -22.59
CA ASP B 364 0.42 16.21 -22.78
C ASP B 364 1.24 16.47 -21.50
N LYS B 365 0.85 17.49 -20.75
CA LYS B 365 1.47 17.83 -19.46
C LYS B 365 1.41 16.63 -18.48
N ASN B 366 0.21 16.07 -18.29
CA ASN B 366 0.00 14.93 -17.37
C ASN B 366 0.55 13.62 -17.91
N MET B 367 0.51 13.46 -19.22
CA MET B 367 1.08 12.30 -19.90
C MET B 367 2.60 12.22 -19.68
N ILE B 368 3.28 13.36 -19.85
CA ILE B 368 4.72 13.46 -19.57
C ILE B 368 4.99 13.32 -18.07
N ALA B 369 4.12 13.92 -17.25
CA ALA B 369 4.23 13.81 -15.79
C ALA B 369 4.24 12.35 -15.30
N ARG B 370 3.42 11.51 -15.90
CA ARG B 370 3.37 10.08 -15.53
C ARG B 370 4.49 9.28 -16.16
N LEU B 371 4.73 9.50 -17.46
CA LEU B 371 5.86 8.91 -18.16
C LEU B 371 7.17 9.12 -17.40
N ASN B 372 7.42 10.36 -16.96
CA ASN B 372 8.65 10.69 -16.24
C ASN B 372 8.67 10.21 -14.79
N GLY B 373 7.63 10.53 -14.03
CA GLY B 373 7.55 10.15 -12.62
C GLY B 373 7.48 8.64 -12.34
N GLU B 374 6.53 7.98 -12.99
CA GLU B 374 6.24 6.57 -12.71
C GLU B 374 7.05 5.64 -13.60
N LEU B 375 6.91 5.76 -14.91
CA LEU B 375 7.56 4.82 -15.83
C LEU B 375 9.09 4.93 -15.84
N ALA B 376 9.62 6.15 -15.89
CA ALA B 376 11.07 6.37 -15.91
C ALA B 376 11.72 6.34 -14.52
N ASP B 377 11.28 7.23 -13.62
CA ASP B 377 11.94 7.40 -12.31
C ASP B 377 11.64 6.29 -11.32
N THR B 378 10.43 5.74 -11.35
CA THR B 378 10.10 4.64 -10.44
C THR B 378 10.52 3.31 -11.06
N LEU B 379 9.92 2.93 -12.18
CA LEU B 379 10.18 1.61 -12.79
C LEU B 379 11.51 1.53 -13.52
N GLY B 380 11.71 2.43 -14.48
CA GLY B 380 12.91 2.43 -15.32
C GLY B 380 14.22 2.49 -14.55
N ASN B 381 14.32 3.52 -13.70
CA ASN B 381 15.47 3.71 -12.79
C ASN B 381 15.87 2.44 -12.00
N LEU B 382 14.85 1.77 -11.47
CA LEU B 382 15.02 0.58 -10.65
C LEU B 382 15.57 -0.60 -11.43
N VAL B 383 15.14 -0.73 -12.69
CA VAL B 383 15.60 -1.81 -13.56
C VAL B 383 17.07 -1.61 -13.87
N MET B 384 17.47 -0.36 -14.13
CA MET B 384 18.88 -0.08 -14.42
C MET B 384 19.77 -0.36 -13.22
N ARG B 385 19.37 0.14 -12.04
CA ARG B 385 20.11 -0.10 -10.78
C ARG B 385 20.43 -1.58 -10.52
N CYS B 386 19.43 -2.44 -10.55
CA CYS B 386 19.64 -3.86 -10.24
C CYS B 386 20.36 -4.67 -11.34
N THR B 387 20.49 -4.09 -12.54
CA THR B 387 21.16 -4.72 -13.68
C THR B 387 22.49 -4.11 -14.06
N SER B 388 22.82 -2.91 -13.54
CA SER B 388 24.05 -2.21 -13.95
C SER B 388 25.29 -2.97 -13.51
N ALA B 389 26.35 -2.85 -14.33
CA ALA B 389 27.66 -3.49 -14.05
C ALA B 389 28.31 -2.95 -12.77
N LYS B 390 27.99 -1.69 -12.47
CA LYS B 390 28.41 -1.03 -11.24
C LYS B 390 28.01 -1.82 -9.98
N ILE B 391 26.73 -2.13 -9.87
CA ILE B 391 26.16 -2.75 -8.67
C ILE B 391 26.11 -4.27 -8.77
N ASN B 392 25.54 -4.77 -9.87
CA ASN B 392 25.52 -6.20 -10.19
C ASN B 392 26.78 -6.53 -11.01
N VAL B 393 27.89 -6.73 -10.31
CA VAL B 393 29.20 -6.92 -10.96
C VAL B 393 29.33 -8.27 -11.70
N ASN B 394 28.74 -9.33 -11.16
CA ASN B 394 28.79 -10.64 -11.81
C ASN B 394 27.76 -10.87 -12.91
N GLY B 395 26.83 -9.94 -13.11
CA GLY B 395 25.79 -10.08 -14.14
C GLY B 395 24.96 -11.32 -13.91
N GLU B 396 24.41 -11.44 -12.71
CA GLU B 396 23.63 -12.62 -12.33
C GLU B 396 22.75 -12.37 -11.10
N TRP B 397 21.80 -13.28 -10.89
CA TRP B 397 20.99 -13.28 -9.69
C TRP B 397 21.81 -13.87 -8.56
N PRO B 398 22.22 -13.05 -7.57
CA PRO B 398 23.03 -13.60 -6.49
C PRO B 398 22.23 -14.43 -5.52
N SER B 399 22.94 -15.24 -4.75
CA SER B 399 22.33 -16.10 -3.73
C SER B 399 22.27 -15.26 -2.44
N PRO B 400 21.09 -15.10 -1.84
CA PRO B 400 20.96 -14.27 -0.63
C PRO B 400 21.49 -14.79 0.71
N ALA B 401 22.03 -13.89 1.53
CA ALA B 401 22.47 -14.20 2.85
C ALA B 401 21.30 -14.09 3.75
N ALA B 402 21.54 -13.92 5.02
CA ALA B 402 20.47 -13.81 5.96
C ALA B 402 19.65 -12.57 5.77
N TYR B 403 18.38 -12.68 6.06
CA TYR B 403 17.46 -11.57 5.88
C TYR B 403 17.30 -10.82 7.18
N THR B 404 17.40 -9.49 7.11
CA THR B 404 17.05 -8.62 8.22
C THR B 404 15.55 -8.45 8.28
N GLU B 405 15.06 -7.85 9.35
CA GLU B 405 13.65 -7.53 9.44
C GLU B 405 13.19 -6.54 8.36
N GLU B 406 14.06 -5.60 7.99
CA GLU B 406 13.74 -4.68 6.88
C GLU B 406 13.60 -5.41 5.54
N ASP B 407 14.51 -6.35 5.27
CA ASP B 407 14.38 -7.27 4.15
C ASP B 407 13.02 -7.96 4.13
N GLU B 408 12.62 -8.49 5.27
CA GLU B 408 11.39 -9.26 5.39
C GLU B 408 10.14 -8.40 5.18
N SER B 409 10.20 -7.12 5.53
CA SER B 409 9.08 -6.21 5.35
C SER B 409 8.84 -5.96 3.86
N LEU B 410 9.92 -5.82 3.10
CA LEU B 410 9.83 -5.69 1.65
C LEU B 410 9.39 -6.98 0.97
N ILE B 411 9.96 -8.09 1.40
CA ILE B 411 9.58 -9.42 0.89
C ILE B 411 8.09 -9.68 1.08
N GLN B 412 7.56 -9.30 2.23
CA GLN B 412 6.15 -9.51 2.51
C GLN B 412 5.30 -8.72 1.51
N LEU B 413 5.69 -7.48 1.22
CA LEU B 413 4.98 -6.66 0.24
C LEU B 413 4.96 -7.34 -1.12
N ILE B 414 6.10 -7.93 -1.50
CA ILE B 414 6.25 -8.61 -2.79
C ILE B 414 5.43 -9.89 -2.82
N LYS B 415 5.44 -10.64 -1.71
CA LYS B 415 4.60 -11.84 -1.57
C LYS B 415 3.09 -11.57 -1.57
N ASP B 416 2.69 -10.46 -0.96
CA ASP B 416 1.28 -10.12 -0.84
C ASP B 416 0.71 -9.52 -2.11
N LEU B 417 1.58 -8.98 -2.96
CA LEU B 417 1.17 -8.27 -4.17
C LEU B 417 0.32 -9.08 -5.15
N PRO B 418 0.71 -10.32 -5.49
CA PRO B 418 -0.09 -11.02 -6.50
C PRO B 418 -1.54 -11.25 -6.10
N GLY B 419 -1.79 -11.54 -4.83
CA GLY B 419 -3.15 -11.74 -4.35
C GLY B 419 -3.99 -10.47 -4.38
N THR B 420 -3.34 -9.35 -4.09
CA THR B 420 -3.98 -8.05 -4.10
C THR B 420 -4.26 -7.63 -5.54
N ALA B 421 -3.25 -7.73 -6.39
CA ALA B 421 -3.39 -7.41 -7.80
C ALA B 421 -4.44 -8.28 -8.48
N ASP B 422 -4.46 -9.57 -8.13
CA ASP B 422 -5.46 -10.50 -8.65
C ASP B 422 -6.89 -10.04 -8.34
N HIS B 423 -7.15 -9.66 -7.09
CA HIS B 423 -8.48 -9.18 -6.74
C HIS B 423 -8.87 -7.97 -7.58
N TYR B 424 -7.94 -7.01 -7.69
CA TYR B 424 -8.21 -5.80 -8.46
C TYR B 424 -8.48 -6.14 -9.93
N TYR B 425 -7.66 -6.99 -10.53
CA TYR B 425 -7.84 -7.41 -11.93
C TYR B 425 -9.17 -8.10 -12.13
N LEU B 426 -9.62 -8.88 -11.15
CA LEU B 426 -10.90 -9.59 -11.24
C LEU B 426 -12.14 -8.74 -11.02
N ILE B 427 -12.02 -7.56 -10.44
CA ILE B 427 -13.18 -6.72 -10.14
C ILE B 427 -14.05 -6.43 -11.37
N PRO B 428 -13.51 -5.94 -12.49
CA PRO B 428 -12.11 -5.55 -12.69
C PRO B 428 -11.91 -4.07 -12.42
N ASP B 429 -10.76 -3.74 -11.83
CA ASP B 429 -10.37 -2.33 -11.62
C ASP B 429 -8.87 -2.23 -11.91
N ILE B 430 -8.54 -1.92 -13.15
CA ILE B 430 -7.19 -1.98 -13.64
C ILE B 430 -6.35 -0.86 -13.05
N GLN B 431 -6.96 0.30 -12.81
CA GLN B 431 -6.28 1.42 -12.18
C GLN B 431 -5.71 1.04 -10.80
N LYS B 432 -6.53 0.36 -10.00
CA LYS B 432 -6.13 -0.06 -8.68
C LYS B 432 -5.05 -1.15 -8.74
N ALA B 433 -5.13 -2.02 -9.72
CA ALA B 433 -4.12 -3.04 -9.91
C ALA B 433 -2.77 -2.38 -10.17
N ILE B 434 -2.76 -1.35 -11.01
CA ILE B 434 -1.52 -0.63 -11.33
C ILE B 434 -0.97 0.09 -10.10
N ILE B 435 -1.85 0.82 -9.41
CA ILE B 435 -1.46 1.53 -8.18
C ILE B 435 -0.87 0.56 -7.17
N ALA B 436 -1.47 -0.62 -7.03
CA ALA B 436 -0.97 -1.61 -6.09
C ALA B 436 0.45 -2.06 -6.45
N VAL B 437 0.73 -2.25 -7.74
CA VAL B 437 2.05 -2.66 -8.14
C VAL B 437 3.05 -1.54 -7.88
N PHE B 438 2.70 -0.33 -8.30
CA PHE B 438 3.59 0.80 -8.13
C PHE B 438 3.85 1.16 -6.68
N ASP B 439 2.89 0.90 -5.79
CA ASP B 439 3.13 1.03 -4.35
C ASP B 439 4.32 0.17 -3.96
N VAL B 440 4.38 -1.05 -4.50
CA VAL B 440 5.48 -1.96 -4.20
C VAL B 440 6.74 -1.48 -4.90
N LEU B 441 6.61 -0.93 -6.10
CA LEU B 441 7.77 -0.36 -6.78
C LEU B 441 8.38 0.80 -6.00
N ARG B 442 7.53 1.71 -5.50
CA ARG B 442 7.98 2.80 -4.64
C ARG B 442 8.75 2.27 -3.43
N ALA B 443 8.17 1.27 -2.77
CA ALA B 443 8.80 0.62 -1.61
C ALA B 443 10.17 -0.01 -1.92
N ILE B 444 10.30 -0.64 -3.07
CA ILE B 444 11.56 -1.27 -3.47
C ILE B 444 12.60 -0.19 -3.70
N ASN B 445 12.21 0.91 -4.34
CA ASN B 445 13.11 2.05 -4.51
C ASN B 445 13.62 2.59 -3.18
N ALA B 446 12.69 2.81 -2.26
CA ALA B 446 13.00 3.29 -0.90
C ALA B 446 14.01 2.38 -0.21
N TYR B 447 13.77 1.07 -0.32
CA TYR B 447 14.69 0.05 0.20
C TYR B 447 16.10 0.14 -0.40
N VAL B 448 16.18 0.34 -1.71
CA VAL B 448 17.46 0.42 -2.42
C VAL B 448 18.20 1.69 -2.00
N THR B 449 17.48 2.81 -1.89
CA THR B 449 18.04 4.04 -1.36
C THR B 449 18.54 3.85 0.07
N ASP B 450 17.74 3.22 0.92
CA ASP B 450 18.16 2.94 2.30
C ASP B 450 19.40 2.08 2.36
N MET B 451 19.43 1.01 1.57
CA MET B 451 20.52 0.04 1.62
C MET B 451 21.76 0.45 0.84
N ALA B 452 21.60 1.38 -0.11
CA ALA B 452 22.71 1.92 -0.90
C ALA B 452 23.68 0.81 -1.43
N PRO B 453 23.19 -0.07 -2.32
CA PRO B 453 24.02 -1.19 -2.79
C PRO B 453 25.29 -0.77 -3.55
N TRP B 454 25.27 0.40 -4.17
CA TRP B 454 26.47 1.02 -4.76
C TRP B 454 27.62 1.13 -3.75
N LYS B 455 27.31 1.54 -2.52
CA LYS B 455 28.31 1.50 -1.43
C LYS B 455 28.71 0.07 -1.02
N LEU B 456 27.74 -0.84 -0.99
CA LEU B 456 27.96 -2.20 -0.52
C LEU B 456 28.89 -3.08 -1.37
N VAL B 457 29.14 -2.71 -2.64
CA VAL B 457 30.12 -3.47 -3.47
C VAL B 457 31.49 -3.52 -2.80
N LYS B 458 31.92 -2.38 -2.26
CA LYS B 458 33.20 -2.28 -1.54
C LYS B 458 33.09 -2.73 -0.09
N THR B 459 32.13 -2.16 0.63
CA THR B 459 31.98 -2.39 2.08
C THR B 459 31.61 -3.84 2.44
N ASP B 460 30.49 -4.35 1.93
CA ASP B 460 29.87 -5.57 2.44
C ASP B 460 29.26 -6.43 1.32
N PRO B 461 30.10 -7.20 0.60
CA PRO B 461 29.63 -8.05 -0.51
C PRO B 461 28.56 -9.08 -0.12
N GLU B 462 28.64 -9.63 1.09
CA GLU B 462 27.67 -10.61 1.57
C GLU B 462 26.28 -9.97 1.65
N ARG B 463 26.24 -8.75 2.18
CA ARG B 463 25.00 -7.99 2.29
C ARG B 463 24.41 -7.59 0.94
N LEU B 464 25.29 -7.18 0.01
CA LEU B 464 24.87 -6.82 -1.35
C LEU B 464 24.14 -7.94 -2.05
N ARG B 465 24.59 -9.18 -1.85
CA ARG B 465 23.90 -10.34 -2.42
C ARG B 465 22.43 -10.35 -2.02
N THR B 466 22.17 -10.15 -0.74
CA THR B 466 20.83 -10.16 -0.21
C THR B 466 20.00 -9.00 -0.79
N VAL B 467 20.57 -7.81 -0.79
CA VAL B 467 19.87 -6.59 -1.23
C VAL B 467 19.52 -6.67 -2.72
N LEU B 468 20.50 -7.13 -3.47
CA LEU B 468 20.35 -7.22 -4.91
C LEU B 468 19.35 -8.31 -5.28
N TYR B 469 19.42 -9.45 -4.61
CA TYR B 469 18.47 -10.53 -4.88
C TYR B 469 17.03 -10.09 -4.66
N ILE B 470 16.79 -9.45 -3.52
CA ILE B 470 15.46 -8.94 -3.20
C ILE B 470 14.98 -7.91 -4.25
N THR B 471 15.85 -6.99 -4.64
CA THR B 471 15.49 -5.99 -5.65
C THR B 471 15.09 -6.67 -6.94
N LEU B 472 15.95 -7.57 -7.41
CA LEU B 472 15.72 -8.31 -8.66
C LEU B 472 14.39 -9.06 -8.64
N GLU B 473 14.12 -9.75 -7.54
CA GLU B 473 12.87 -10.50 -7.40
C GLU B 473 11.65 -9.58 -7.29
N GLY B 474 11.81 -8.42 -6.64
CA GLY B 474 10.75 -7.42 -6.60
C GLY B 474 10.44 -6.88 -7.98
N VAL B 475 11.48 -6.57 -8.75
CA VAL B 475 11.32 -6.07 -10.10
C VAL B 475 10.66 -7.10 -11.02
N ARG B 476 11.00 -8.37 -10.85
CA ARG B 476 10.42 -9.46 -11.65
C ARG B 476 8.94 -9.62 -11.39
N VAL B 477 8.58 -9.71 -10.11
CA VAL B 477 7.19 -9.94 -9.71
C VAL B 477 6.31 -8.77 -10.07
N THR B 478 6.77 -7.55 -9.82
CA THR B 478 6.03 -6.35 -10.21
C THR B 478 5.86 -6.27 -11.72
N THR B 479 6.91 -6.62 -12.45
CA THR B 479 6.92 -6.56 -13.92
C THR B 479 5.97 -7.60 -14.51
N LEU B 480 5.97 -8.80 -13.92
CA LEU B 480 5.03 -9.86 -14.31
C LEU B 480 3.59 -9.38 -14.20
N LEU B 481 3.24 -8.85 -13.03
CA LEU B 481 1.87 -8.33 -12.80
C LEU B 481 1.57 -7.08 -13.61
N LEU B 482 2.58 -6.35 -14.08
CA LEU B 482 2.40 -5.25 -15.04
C LEU B 482 2.48 -5.63 -16.51
N SER B 483 2.76 -6.89 -16.82
CA SER B 483 2.92 -7.31 -18.21
C SER B 483 1.64 -7.17 -19.06
N PRO B 484 0.43 -7.29 -18.46
CA PRO B 484 -0.75 -6.93 -19.26
C PRO B 484 -0.85 -5.45 -19.65
N ILE B 485 -0.33 -4.56 -18.81
CA ILE B 485 -0.35 -3.12 -19.07
C ILE B 485 0.77 -2.75 -20.06
N LEU B 486 1.97 -3.31 -19.85
CA LEU B 486 3.17 -2.98 -20.61
C LEU B 486 3.70 -4.25 -21.29
N PRO B 487 2.96 -4.76 -22.28
CA PRO B 487 3.33 -6.06 -22.86
C PRO B 487 4.70 -6.11 -23.55
N ARG B 488 5.09 -5.03 -24.24
CA ARG B 488 6.41 -4.97 -24.87
C ARG B 488 7.53 -4.66 -23.88
N LYS B 489 7.34 -3.64 -23.06
CA LYS B 489 8.38 -3.24 -22.12
C LYS B 489 8.67 -4.31 -21.06
N SER B 490 7.65 -5.11 -20.70
CA SER B 490 7.86 -6.23 -19.79
C SER B 490 8.80 -7.28 -20.36
N VAL B 491 8.70 -7.51 -21.67
CA VAL B 491 9.62 -8.42 -22.37
C VAL B 491 11.04 -7.85 -22.33
N VAL B 492 11.17 -6.55 -22.59
CA VAL B 492 12.47 -5.90 -22.48
C VAL B 492 13.03 -6.07 -21.05
N ILE B 493 12.19 -5.84 -20.03
CA ILE B 493 12.65 -5.94 -18.64
C ILE B 493 13.09 -7.38 -18.34
N PHE B 494 12.25 -8.35 -18.68
CA PHE B 494 12.58 -9.74 -18.44
C PHE B 494 13.86 -10.19 -19.17
N ASP B 495 14.10 -9.66 -20.38
CA ASP B 495 15.35 -9.97 -21.11
C ASP B 495 16.56 -9.44 -20.34
N MET B 496 16.48 -8.19 -19.88
CA MET B 496 17.55 -7.58 -19.08
C MET B 496 17.83 -8.38 -17.80
N LEU B 497 16.76 -8.78 -17.12
CA LEU B 497 16.86 -9.60 -15.92
C LEU B 497 17.29 -11.04 -16.20
N GLY B 498 17.15 -11.48 -17.45
CA GLY B 498 17.55 -12.82 -17.85
C GLY B 498 16.59 -13.89 -17.39
N VAL B 499 15.30 -13.55 -17.33
CA VAL B 499 14.27 -14.45 -16.82
C VAL B 499 13.93 -15.42 -17.93
N PRO B 500 14.12 -16.73 -17.70
CA PRO B 500 13.69 -17.70 -18.71
C PRO B 500 12.20 -17.54 -19.10
N GLU B 501 11.91 -17.75 -20.39
CA GLU B 501 10.53 -17.69 -20.92
C GLU B 501 9.49 -18.35 -20.02
N VAL B 502 9.80 -19.56 -19.58
CA VAL B 502 8.90 -20.33 -18.74
C VAL B 502 8.47 -19.59 -17.43
N HIS B 503 9.35 -18.74 -16.89
CA HIS B 503 9.05 -17.95 -15.68
C HIS B 503 8.35 -16.60 -15.92
N ARG B 504 8.00 -16.33 -17.16
CA ARG B 504 7.35 -15.12 -17.54
C ARG B 504 5.86 -15.33 -17.63
N LYS B 505 5.40 -16.52 -17.35
CA LYS B 505 4.00 -16.82 -17.38
C LYS B 505 3.62 -17.84 -16.32
N GLY B 506 2.34 -17.89 -16.00
CA GLY B 506 1.77 -18.81 -15.05
C GLY B 506 1.65 -18.35 -13.65
N ILE B 507 0.65 -18.83 -12.97
CA ILE B 507 0.36 -18.50 -11.60
C ILE B 507 1.45 -18.94 -10.63
N GLU B 508 2.09 -20.06 -10.91
CA GLU B 508 3.22 -20.59 -10.16
C GLU B 508 4.40 -19.58 -10.09
N ASN B 509 4.54 -18.72 -11.10
CA ASN B 509 5.59 -17.69 -11.12
C ASN B 509 5.24 -16.33 -10.48
N PHE B 510 4.05 -16.22 -9.94
CA PHE B 510 3.68 -15.14 -9.04
C PHE B 510 4.40 -15.28 -7.71
N GLU B 511 4.73 -16.51 -7.32
CA GLU B 511 5.39 -16.78 -6.04
C GLU B 511 6.83 -16.27 -5.98
N PHE B 512 7.19 -15.80 -4.79
CA PHE B 512 8.52 -15.30 -4.49
C PHE B 512 9.54 -16.42 -4.60
N GLY B 513 10.66 -16.13 -5.25
CA GLY B 513 11.78 -17.04 -5.40
C GLY B 513 11.74 -17.98 -6.60
N ALA B 514 10.89 -17.70 -7.58
CA ALA B 514 10.65 -18.63 -8.68
C ALA B 514 11.82 -18.71 -9.66
N VAL B 515 12.56 -17.61 -9.80
CA VAL B 515 13.82 -17.59 -10.55
C VAL B 515 14.95 -17.87 -9.56
N PRO B 516 15.79 -18.89 -9.85
CA PRO B 516 16.81 -19.30 -8.90
C PRO B 516 18.10 -18.48 -9.02
N PRO B 517 18.87 -18.39 -7.90
CA PRO B 517 20.16 -17.73 -7.97
C PRO B 517 21.10 -18.42 -8.97
N GLY B 518 21.98 -17.65 -9.61
CA GLY B 518 22.86 -18.17 -10.66
C GLY B 518 22.36 -17.87 -12.06
N THR B 519 21.08 -17.54 -12.19
CA THR B 519 20.51 -17.11 -13.46
C THR B 519 21.27 -15.88 -13.96
N ARG B 520 21.70 -15.91 -15.23
CA ARG B 520 22.50 -14.84 -15.81
C ARG B 520 21.61 -13.77 -16.39
N LEU B 521 22.01 -12.51 -16.23
CA LEU B 521 21.31 -11.39 -16.87
C LEU B 521 21.50 -11.45 -18.37
N GLY B 522 20.66 -10.72 -19.05
CA GLY B 522 20.74 -10.59 -20.46
C GLY B 522 21.76 -9.55 -20.78
N PRO B 523 22.21 -9.55 -22.03
CA PRO B 523 23.23 -8.58 -22.49
C PRO B 523 22.77 -7.13 -22.38
N ALA B 524 23.70 -6.25 -22.02
CA ALA B 524 23.45 -4.85 -21.84
C ALA B 524 23.79 -4.15 -23.13
N VAL B 525 23.01 -3.13 -23.48
CA VAL B 525 23.23 -2.44 -24.73
C VAL B 525 23.31 -0.92 -24.77
N GLU B 526 24.49 -0.35 -24.95
CA GLU B 526 24.62 1.08 -25.10
C GLU B 526 23.86 1.85 -24.02
N GLY B 527 23.07 2.85 -24.40
CA GLY B 527 22.24 3.56 -23.46
C GLY B 527 21.13 2.65 -22.98
N GLU B 528 20.53 1.96 -23.94
CA GLU B 528 19.49 1.01 -23.61
C GLU B 528 18.46 1.54 -22.63
N VAL B 529 17.83 2.65 -22.92
CA VAL B 529 16.82 3.18 -22.01
C VAL B 529 15.44 2.49 -22.19
N LEU B 530 14.67 2.29 -21.12
CA LEU B 530 13.36 1.70 -21.25
C LEU B 530 12.39 2.75 -21.59
N PHE B 531 12.39 3.79 -20.77
CA PHE B 531 11.53 4.93 -20.97
C PHE B 531 12.42 6.15 -20.89
N SER B 532 12.54 6.87 -22.01
CA SER B 532 13.34 8.10 -22.04
C SER B 532 12.48 9.22 -21.49
N LYS B 533 13.07 10.03 -20.62
CA LYS B 533 12.34 11.16 -20.01
C LYS B 533 12.14 12.23 -21.09
N ARG B 534 11.16 13.11 -20.90
CA ARG B 534 10.80 14.12 -21.91
C ARG B 534 10.63 15.51 -21.31
N SER B 535 10.83 16.53 -22.16
CA SER B 535 10.91 17.92 -21.73
C SER B 535 9.62 18.42 -21.05
N THR B 536 9.79 19.34 -20.10
CA THR B 536 8.72 19.80 -19.19
C THR B 536 7.68 20.72 -19.86
N MET C . 22.74 10.54 29.84
CA MET C . 22.89 10.40 28.40
C MET C . 22.20 11.54 27.66
O MET C . 22.40 11.63 26.40
CB MET C . 22.34 9.05 27.93
CG MET C . 23.02 7.85 28.55
SD MET C . 22.32 6.29 27.99
CE MET C . 23.33 5.12 28.90
OXT MET C . 21.48 12.33 28.33
O1 756 D . -25.23 2.43 -29.37
C9 756 D . -25.62 1.48 -30.04
C5 756 D . -25.42 0.09 -29.53
C4 756 D . -24.23 -0.58 -29.79
C6 756 D . -26.43 -0.55 -28.81
C7 756 D . -26.27 -1.83 -28.34
C8 756 D . -25.07 -2.47 -28.60
C3 756 D . -24.03 -1.89 -29.32
C2 756 D . -22.99 -2.87 -29.37
O 756 D . -24.72 -3.75 -28.22
C1 756 D . -23.44 -3.97 -28.70
C 756 D . -22.86 -5.31 -28.39
N 756 D . -26.21 1.65 -31.23
C14 756 D . -26.70 0.54 -32.05
C13 756 D . -26.10 0.64 -33.46
C12 756 D . -26.11 2.02 -34.11
C11 756 D . -25.71 3.11 -33.13
C10 756 D . -26.47 2.97 -31.83
C15 756 D . -26.87 -0.35 -34.26
N2 756 D . -27.81 0.06 -35.15
C21 756 D . -28.33 -1.08 -35.73
C16 756 D . -27.65 -2.15 -35.13
N1 756 D . -26.72 -1.67 -34.21
C20 756 D . -29.31 -1.29 -36.69
C19 756 D . -29.60 -2.59 -37.06
C18 756 D . -28.93 -3.67 -36.47
C17 756 D . -27.96 -3.46 -35.51
#